data_4QFD
#
_entry.id   4QFD
#
_cell.length_a   86.490
_cell.length_b   86.490
_cell.length_c   187.970
_cell.angle_alpha   90.000
_cell.angle_beta   90.000
_cell.angle_gamma   120.000
#
_symmetry.space_group_name_H-M   'P 32 2 1'
#
loop_
_entity.id
_entity.type
_entity.pdbx_description
1 polymer 'D-amino-acid oxidase'
2 non-polymer 'SODIUM ION'
3 non-polymer 'FLAVIN-ADENINE DINUCLEOTIDE'
4 non-polymer '3-(7-hydroxy-2-oxo-4-phenyl-2H-chromen-6-yl)propanoic acid'
5 water water
#
_entity_poly.entity_id   1
_entity_poly.type   'polypeptide(L)'
_entity_poly.pdbx_seq_one_letter_code
;MRVVVIGAGVIGLSTALCIHERYHSVLQPLDIKVYADRFTPLTTTDVAAGLWQPYLSDPNNPQEADWSQQTFDYLLSHVH
SPNAENLGLFLISGYNLFHEAIPDPSWKDTVLGFRKLTPRELDMFPDYGYGWFHTSLILEGKNYLQWLTERLTERGVKFF
QRKVESFEEVAREGADVIVNCTGVWAGALQRDPLLQPGRGQIMKVDAPWMKHFILTHDPERGIYNSPYIIPGTQTVTLGG
IFQLGNWSELNNIQDHNTIWEGCCRLEPTLKNARIIGERTGFRPVRPQIRLEREQLRTGPSNTEVIHNYGHGGYGLTIHW
GCALEAAKLFGRILEEKKLSRMPPSHL
;
_entity_poly.pdbx_strand_id   A,B
#
loop_
_chem_comp.id
_chem_comp.type
_chem_comp.name
_chem_comp.formula
31R non-polymer '3-(7-hydroxy-2-oxo-4-phenyl-2H-chromen-6-yl)propanoic acid' 'C18 H14 O5'
FAD non-polymer 'FLAVIN-ADENINE DINUCLEOTIDE' 'C27 H33 N9 O15 P2'
NA non-polymer 'SODIUM ION' 'Na 1'
#
# COMPACT_ATOMS: atom_id res chain seq x y z
N MET A 1 -15.87 -28.73 -10.83
CA MET A 1 -16.16 -27.42 -11.47
C MET A 1 -14.89 -26.58 -11.54
N ARG A 2 -14.89 -25.62 -12.45
CA ARG A 2 -13.82 -24.64 -12.59
C ARG A 2 -14.28 -23.34 -11.92
N VAL A 3 -13.71 -23.05 -10.74
CA VAL A 3 -14.14 -21.90 -9.92
C VAL A 3 -13.18 -20.75 -10.09
N VAL A 4 -13.73 -19.53 -10.10
CA VAL A 4 -12.95 -18.31 -10.08
C VAL A 4 -13.53 -17.38 -9.04
N VAL A 5 -12.69 -16.93 -8.11
CA VAL A 5 -13.08 -15.94 -7.13
C VAL A 5 -12.46 -14.61 -7.56
N ILE A 6 -13.30 -13.57 -7.63
CA ILE A 6 -12.82 -12.23 -7.93
C ILE A 6 -12.75 -11.45 -6.63
N GLY A 7 -11.54 -11.05 -6.24
CA GLY A 7 -11.31 -10.29 -5.02
C GLY A 7 -10.32 -11.01 -4.15
N ALA A 8 -9.34 -10.29 -3.62
CA ALA A 8 -8.36 -10.88 -2.71
C ALA A 8 -8.27 -10.14 -1.38
N GLY A 9 -9.37 -9.48 -1.01
CA GLY A 9 -9.54 -8.97 0.34
C GLY A 9 -10.09 -10.07 1.23
N VAL A 10 -10.38 -9.74 2.49
CA VAL A 10 -10.89 -10.70 3.46
C VAL A 10 -12.06 -11.55 2.93
N ILE A 11 -13.00 -10.94 2.20
CA ILE A 11 -14.17 -11.65 1.74
C ILE A 11 -13.79 -12.67 0.66
N GLY A 12 -13.07 -12.19 -0.35
CA GLY A 12 -12.63 -13.04 -1.45
C GLY A 12 -11.83 -14.23 -0.97
N LEU A 13 -10.83 -13.99 -0.14
CA LEU A 13 -9.96 -15.09 0.30
C LEU A 13 -10.67 -16.02 1.28
N SER A 14 -11.39 -15.45 2.25
CA SER A 14 -12.12 -16.26 3.21
C SER A 14 -13.11 -17.16 2.49
N THR A 15 -13.77 -16.61 1.46
CA THR A 15 -14.73 -17.39 0.69
C THR A 15 -14.03 -18.55 -0.06
N ALA A 16 -12.98 -18.25 -0.81
CA ALA A 16 -12.22 -19.26 -1.56
C ALA A 16 -11.75 -20.43 -0.70
N LEU A 17 -11.21 -20.12 0.48
CA LEU A 17 -10.73 -21.13 1.40
C LEU A 17 -11.89 -21.93 1.96
N CYS A 18 -12.91 -21.21 2.40
CA CYS A 18 -14.08 -21.80 3.03
C CYS A 18 -14.83 -22.76 2.10
N ILE A 19 -14.79 -22.48 0.80
CA ILE A 19 -15.35 -23.36 -0.22
C ILE A 19 -14.44 -24.55 -0.43
N HIS A 20 -13.15 -24.29 -0.64
CA HIS A 20 -12.17 -25.37 -0.81
C HIS A 20 -12.26 -26.43 0.29
N GLU A 21 -12.58 -26.00 1.51
CA GLU A 21 -12.70 -26.90 2.65
C GLU A 21 -13.97 -27.74 2.63
N ARG A 22 -15.11 -27.12 2.33
CA ARG A 22 -16.37 -27.84 2.27
C ARG A 22 -16.38 -28.90 1.18
N TYR A 23 -15.74 -28.63 0.04
CA TYR A 23 -15.87 -29.45 -1.17
C TYR A 23 -14.55 -29.85 -1.84
N HIS A 24 -14.02 -31.02 -1.48
CA HIS A 24 -12.83 -31.57 -2.13
C HIS A 24 -12.70 -33.10 -1.90
N LEU A 30 -11.29 -30.21 -7.97
CA LEU A 30 -11.76 -28.82 -7.89
C LEU A 30 -10.66 -27.81 -8.19
N ASP A 31 -10.94 -26.91 -9.12
CA ASP A 31 -9.97 -25.92 -9.58
C ASP A 31 -10.42 -24.49 -9.23
N ILE A 32 -9.77 -23.91 -8.22
CA ILE A 32 -10.12 -22.56 -7.77
C ILE A 32 -9.00 -21.60 -8.13
N LYS A 33 -9.34 -20.53 -8.83
CA LYS A 33 -8.42 -19.45 -9.17
C LYS A 33 -8.93 -18.14 -8.58
N VAL A 34 -8.03 -17.40 -7.93
CA VAL A 34 -8.36 -16.07 -7.43
C VAL A 34 -7.85 -15.03 -8.42
N TYR A 35 -8.76 -14.16 -8.88
CA TYR A 35 -8.39 -13.03 -9.72
C TYR A 35 -8.68 -11.75 -8.95
N ALA A 36 -7.74 -10.81 -8.97
CA ALA A 36 -7.93 -9.47 -8.40
C ALA A 36 -6.90 -8.49 -8.95
N ASP A 37 -7.28 -7.23 -9.13
CA ASP A 37 -6.33 -6.22 -9.60
C ASP A 37 -5.45 -5.65 -8.46
N ARG A 38 -5.87 -5.82 -7.20
CA ARG A 38 -5.09 -5.39 -6.04
C ARG A 38 -4.98 -6.46 -4.94
N PHE A 39 -3.76 -6.86 -4.63
CA PHE A 39 -3.48 -7.75 -3.50
C PHE A 39 -2.83 -6.94 -2.37
N THR A 40 -2.62 -7.58 -1.22
CA THR A 40 -2.04 -6.88 -0.08
C THR A 40 -0.74 -6.19 -0.47
N PRO A 41 -0.39 -5.11 0.25
CA PRO A 41 -1.21 -4.41 1.24
C PRO A 41 -2.08 -3.29 0.65
N LEU A 42 -2.57 -3.49 -0.56
CA LEU A 42 -3.24 -2.42 -1.31
C LEU A 42 -4.77 -2.58 -1.37
N THR A 43 -5.32 -3.45 -0.53
CA THR A 43 -6.76 -3.68 -0.46
C THR A 43 -7.40 -2.83 0.63
N THR A 44 -8.71 -2.72 0.57
CA THR A 44 -9.45 -2.01 1.61
C THR A 44 -9.32 -2.74 2.94
N THR A 45 -9.20 -4.06 2.86
CA THR A 45 -8.98 -4.87 4.04
C THR A 45 -7.71 -4.47 4.80
N ASP A 46 -6.70 -4.01 4.08
CA ASP A 46 -5.42 -3.66 4.70
C ASP A 46 -5.52 -2.35 5.49
N VAL A 47 -6.46 -1.52 5.09
CA VAL A 47 -6.69 -0.22 5.73
C VAL A 47 -7.34 -0.39 7.11
N ALA A 48 -8.32 -1.28 7.21
CA ALA A 48 -9.13 -1.44 8.42
C ALA A 48 -8.32 -1.73 9.67
N ALA A 49 -8.71 -1.12 10.78
CA ALA A 49 -8.12 -1.41 12.09
C ALA A 49 -8.28 -2.89 12.44
N GLY A 50 -9.49 -3.40 12.25
CA GLY A 50 -9.75 -4.84 12.39
C GLY A 50 -10.51 -5.20 13.64
N LEU A 51 -11.21 -4.24 14.23
CA LEU A 51 -12.03 -4.48 15.42
C LEU A 51 -13.24 -5.31 15.06
N TRP A 52 -13.51 -6.37 15.84
CA TRP A 52 -14.78 -7.03 15.74
C TRP A 52 -15.80 -6.16 16.45
N GLN A 53 -16.80 -5.71 15.69
CA GLN A 53 -17.93 -4.99 16.24
C GLN A 53 -18.82 -4.56 15.07
N PRO A 54 -20.04 -5.08 15.01
CA PRO A 54 -20.90 -4.63 13.91
C PRO A 54 -21.37 -3.20 14.12
N TYR A 55 -21.99 -2.64 13.06
CA TYR A 55 -22.60 -1.32 13.14
C TYR A 55 -23.97 -1.45 13.82
N LEU A 56 -24.63 -0.32 14.08
CA LEU A 56 -25.91 -0.31 14.80
C LEU A 56 -27.11 -0.22 13.85
N PRO A 62 -31.12 -8.65 9.49
CA PRO A 62 -31.58 -9.65 10.45
C PRO A 62 -30.69 -10.91 10.46
N GLN A 63 -30.49 -11.49 9.28
CA GLN A 63 -29.58 -12.62 9.09
C GLN A 63 -28.18 -12.28 9.58
N GLU A 64 -27.74 -11.05 9.26
CA GLU A 64 -26.36 -10.61 9.49
C GLU A 64 -25.83 -10.84 10.89
N ALA A 65 -26.70 -10.71 11.90
CA ALA A 65 -26.29 -10.91 13.28
C ALA A 65 -25.66 -12.29 13.48
N ASP A 66 -26.26 -13.29 12.87
CA ASP A 66 -25.74 -14.66 12.97
C ASP A 66 -24.41 -14.82 12.23
N TRP A 67 -24.25 -14.15 11.10
CA TRP A 67 -23.00 -14.21 10.36
C TRP A 67 -21.88 -13.60 11.19
N SER A 68 -22.16 -12.47 11.83
CA SER A 68 -21.21 -11.85 12.75
C SER A 68 -20.87 -12.81 13.88
N GLN A 69 -21.90 -13.37 14.51
CA GLN A 69 -21.74 -14.26 15.68
C GLN A 69 -21.00 -15.55 15.36
N GLN A 70 -21.17 -16.04 14.14
CA GLN A 70 -20.42 -17.19 13.66
C GLN A 70 -18.95 -16.84 13.57
N THR A 71 -18.68 -15.69 12.95
CA THR A 71 -17.32 -15.17 12.83
C THR A 71 -16.64 -15.00 14.19
N PHE A 72 -17.33 -14.43 15.16
CA PHE A 72 -16.73 -14.18 16.47
C PHE A 72 -16.25 -15.48 17.09
N ASP A 73 -17.16 -16.43 17.21
CA ASP A 73 -16.85 -17.71 17.86
C ASP A 73 -15.71 -18.41 17.14
N TYR A 74 -15.74 -18.38 15.80
CA TYR A 74 -14.69 -19.00 15.00
C TYR A 74 -13.34 -18.42 15.34
N LEU A 75 -13.28 -17.09 15.45
CA LEU A 75 -12.04 -16.41 15.80
C LEU A 75 -11.69 -16.69 17.25
N LEU A 76 -12.68 -16.67 18.13
CA LEU A 76 -12.44 -16.91 19.56
C LEU A 76 -11.83 -18.29 19.80
N SER A 77 -12.17 -19.24 18.95
CA SER A 77 -11.53 -20.55 19.01
C SER A 77 -10.03 -20.43 18.79
N HIS A 78 -9.61 -19.60 17.83
CA HIS A 78 -8.21 -19.52 17.44
C HIS A 78 -7.39 -18.61 18.34
N VAL A 79 -8.07 -17.74 19.09
CA VAL A 79 -7.40 -16.65 19.79
C VAL A 79 -6.32 -17.08 20.80
N HIS A 80 -6.46 -18.26 21.40
CA HIS A 80 -5.51 -18.69 22.42
C HIS A 80 -4.61 -19.81 21.92
N SER A 81 -4.58 -20.06 20.62
CA SER A 81 -3.65 -21.02 20.03
C SER A 81 -2.40 -20.29 19.51
N PRO A 82 -1.26 -20.99 19.41
CA PRO A 82 0.00 -20.36 18.95
C PRO A 82 -0.07 -19.75 17.55
N ASN A 83 -0.91 -20.31 16.69
CA ASN A 83 -1.12 -19.81 15.33
C ASN A 83 -1.61 -18.34 15.25
N ALA A 84 -2.26 -17.87 16.32
CA ALA A 84 -2.94 -16.56 16.37
C ALA A 84 -2.08 -15.35 15.97
N GLU A 85 -0.80 -15.40 16.30
CA GLU A 85 0.12 -14.33 15.96
C GLU A 85 0.15 -14.13 14.44
N ASN A 86 0.26 -15.24 13.70
CA ASN A 86 0.26 -15.20 12.23
C ASN A 86 -1.05 -14.72 11.65
N LEU A 87 -2.16 -15.01 12.34
CA LEU A 87 -3.49 -14.48 11.98
C LEU A 87 -3.62 -12.99 12.27
N GLY A 88 -2.84 -12.49 13.22
CA GLY A 88 -2.97 -11.10 13.68
C GLY A 88 -4.23 -10.93 14.50
N LEU A 89 -4.44 -11.88 15.40
CA LEU A 89 -5.67 -11.98 16.17
C LEU A 89 -5.36 -11.89 17.65
N PHE A 90 -6.13 -11.07 18.37
CA PHE A 90 -5.93 -10.95 19.81
C PHE A 90 -7.15 -10.35 20.53
N LEU A 91 -7.28 -10.66 21.82
CA LEU A 91 -8.35 -10.11 22.63
C LEU A 91 -8.04 -8.69 22.99
N ILE A 92 -9.09 -7.89 23.12
CA ILE A 92 -8.98 -6.50 23.50
C ILE A 92 -10.29 -5.99 24.07
N SER A 93 -10.23 -5.32 25.22
CA SER A 93 -11.40 -4.75 25.85
C SER A 93 -11.44 -3.29 25.52
N GLY A 94 -12.62 -2.67 25.60
CA GLY A 94 -12.71 -1.27 25.21
C GLY A 94 -14.04 -0.60 25.47
N TYR A 95 -14.11 0.66 25.08
CA TYR A 95 -15.21 1.53 25.43
C TYR A 95 -16.00 1.91 24.19
N ASN A 96 -17.32 1.96 24.30
CA ASN A 96 -18.17 2.63 23.30
C ASN A 96 -18.86 3.79 23.98
N LEU A 97 -18.68 5.01 23.46
CA LEU A 97 -19.19 6.22 24.11
C LEU A 97 -20.31 6.93 23.32
N PHE A 98 -21.47 7.12 23.97
CA PHE A 98 -22.63 7.84 23.41
C PHE A 98 -22.98 9.06 24.27
N HIS A 99 -23.99 9.81 23.86
CA HIS A 99 -24.49 10.92 24.67
C HIS A 99 -25.77 10.53 25.41
N GLU A 100 -26.90 10.56 24.71
CA GLU A 100 -28.15 10.01 25.26
C GLU A 100 -28.01 8.50 25.40
N ALA A 101 -28.52 7.94 26.49
CA ALA A 101 -28.52 6.50 26.71
C ALA A 101 -29.30 5.80 25.61
N ILE A 102 -28.81 4.66 25.15
CA ILE A 102 -29.52 3.85 24.16
C ILE A 102 -29.43 2.36 24.48
N PRO A 103 -30.33 1.56 23.90
CA PRO A 103 -30.45 0.17 24.32
C PRO A 103 -29.25 -0.70 23.94
N ASP A 104 -29.10 -1.80 24.65
CA ASP A 104 -28.01 -2.73 24.43
C ASP A 104 -28.06 -3.30 23.01
N PRO A 105 -26.91 -3.67 22.45
CA PRO A 105 -26.86 -4.12 21.07
C PRO A 105 -27.25 -5.57 20.92
N SER A 106 -27.52 -5.98 19.68
CA SER A 106 -27.84 -7.37 19.37
C SER A 106 -26.73 -8.31 19.84
N TRP A 107 -25.49 -7.82 19.73
CA TRP A 107 -24.31 -8.63 20.04
C TRP A 107 -23.91 -8.63 21.53
N LYS A 108 -24.78 -8.09 22.39
CA LYS A 108 -24.55 -8.09 23.84
C LYS A 108 -23.94 -9.40 24.34
N ASP A 109 -24.61 -10.50 24.00
CA ASP A 109 -24.25 -11.82 24.51
C ASP A 109 -23.18 -12.52 23.68
N THR A 110 -22.88 -12.01 22.50
CA THR A 110 -21.83 -12.60 21.68
C THR A 110 -20.44 -12.21 22.20
N VAL A 111 -20.24 -10.95 22.54
CA VAL A 111 -18.94 -10.50 23.06
C VAL A 111 -18.74 -10.94 24.51
N LEU A 112 -17.48 -11.06 24.91
CA LEU A 112 -17.14 -11.46 26.27
C LEU A 112 -17.37 -10.33 27.25
N GLY A 113 -18.07 -10.62 28.34
CA GLY A 113 -18.21 -9.72 29.49
C GLY A 113 -18.70 -8.30 29.18
N PHE A 114 -19.87 -8.23 28.55
CA PHE A 114 -20.49 -6.96 28.19
C PHE A 114 -21.10 -6.32 29.42
N ARG A 115 -21.08 -4.98 29.49
CA ARG A 115 -21.74 -4.24 30.58
C ARG A 115 -21.90 -2.76 30.27
N LYS A 116 -22.66 -2.05 31.10
CA LYS A 116 -22.81 -0.60 31.00
C LYS A 116 -21.72 0.06 31.82
N LEU A 117 -21.21 1.19 31.34
CA LEU A 117 -20.14 1.90 32.02
C LEU A 117 -20.62 2.41 33.36
N THR A 118 -19.81 2.25 34.39
CA THR A 118 -20.06 2.87 35.69
C THR A 118 -19.87 4.38 35.62
N PRO A 119 -20.46 5.11 36.58
CA PRO A 119 -20.25 6.57 36.71
C PRO A 119 -18.78 6.94 36.72
N ARG A 120 -17.99 6.20 37.50
CA ARG A 120 -16.57 6.50 37.66
C ARG A 120 -15.80 6.41 36.32
N GLU A 121 -16.17 5.44 35.48
CA GLU A 121 -15.57 5.29 34.14
C GLU A 121 -15.97 6.43 33.20
N LEU A 122 -17.24 6.79 33.25
CA LEU A 122 -17.75 7.88 32.41
C LEU A 122 -17.11 9.22 32.70
N ASP A 123 -16.52 9.38 33.89
CA ASP A 123 -15.85 10.62 34.26
C ASP A 123 -14.57 10.83 33.44
N MET A 124 -14.02 9.75 32.89
CA MET A 124 -12.77 9.82 32.15
C MET A 124 -12.96 10.42 30.75
N PHE A 125 -14.21 10.54 30.32
CA PHE A 125 -14.56 11.10 29.02
C PHE A 125 -15.58 12.19 29.23
N PRO A 126 -15.08 13.40 29.44
CA PRO A 126 -15.94 14.52 29.82
C PRO A 126 -17.16 14.69 28.92
N ASP A 127 -16.99 14.54 27.62
CA ASP A 127 -18.02 14.90 26.65
C ASP A 127 -19.16 13.87 26.53
N TYR A 128 -18.93 12.66 27.05
CA TYR A 128 -19.89 11.54 26.89
C TYR A 128 -20.50 11.13 28.24
N GLY A 129 -21.79 10.78 28.21
CA GLY A 129 -22.53 10.52 29.44
C GLY A 129 -23.12 9.12 29.60
N TYR A 130 -23.13 8.34 28.52
CA TYR A 130 -23.56 6.94 28.58
C TYR A 130 -22.65 6.13 27.66
N GLY A 131 -22.56 4.83 27.91
CA GLY A 131 -21.71 3.98 27.08
C GLY A 131 -21.52 2.56 27.59
N TRP A 132 -20.75 1.79 26.82
CA TRP A 132 -20.52 0.40 27.18
C TRP A 132 -19.05 0.11 27.49
N PHE A 133 -18.83 -1.05 28.10
CA PHE A 133 -17.54 -1.68 28.14
C PHE A 133 -17.75 -3.14 27.76
N HIS A 134 -16.84 -3.69 26.96
CA HIS A 134 -16.85 -5.12 26.66
C HIS A 134 -15.50 -5.60 26.16
N THR A 135 -15.35 -6.92 26.09
CA THR A 135 -14.14 -7.52 25.56
C THR A 135 -14.46 -8.11 24.19
N SER A 136 -13.65 -7.75 23.20
CA SER A 136 -13.81 -8.22 21.82
C SER A 136 -12.48 -8.71 21.29
N LEU A 137 -12.37 -8.87 19.97
CA LEU A 137 -11.10 -9.20 19.33
C LEU A 137 -10.70 -8.21 18.24
N ILE A 138 -9.44 -8.32 17.84
CA ILE A 138 -8.95 -7.63 16.66
C ILE A 138 -8.32 -8.64 15.74
N LEU A 139 -8.77 -8.61 14.49
CA LEU A 139 -8.19 -9.41 13.42
C LEU A 139 -7.55 -8.43 12.46
N GLU A 140 -6.24 -8.29 12.54
CA GLU A 140 -5.53 -7.32 11.71
C GLU A 140 -5.51 -7.77 10.25
N GLY A 141 -6.05 -6.91 9.39
CA GLY A 141 -6.23 -7.20 7.99
C GLY A 141 -4.96 -7.69 7.32
N LYS A 142 -3.87 -6.97 7.50
CA LYS A 142 -2.61 -7.32 6.87
C LYS A 142 -2.30 -8.77 7.14
N ASN A 143 -2.03 -9.11 8.39
CA ASN A 143 -1.62 -10.48 8.75
C ASN A 143 -2.63 -11.56 8.41
N TYR A 144 -3.91 -11.22 8.42
CA TYR A 144 -4.94 -12.21 8.11
C TYR A 144 -4.91 -12.61 6.65
N LEU A 145 -4.66 -11.64 5.77
CA LEU A 145 -4.58 -11.94 4.35
C LEU A 145 -3.32 -12.74 4.01
N GLN A 146 -2.19 -12.39 4.62
CA GLN A 146 -0.98 -13.22 4.47
C GLN A 146 -1.25 -14.65 4.92
N TRP A 147 -2.02 -14.79 5.99
CA TRP A 147 -2.36 -16.10 6.53
C TRP A 147 -3.28 -16.84 5.58
N LEU A 148 -4.41 -16.21 5.22
CA LEU A 148 -5.35 -16.79 4.28
C LEU A 148 -4.66 -17.17 2.97
N THR A 149 -3.74 -16.33 2.51
CA THR A 149 -3.03 -16.57 1.26
C THR A 149 -2.04 -17.74 1.36
N GLU A 150 -1.33 -17.83 2.48
CA GLU A 150 -0.43 -18.96 2.73
C GLU A 150 -1.21 -20.28 2.82
N ARG A 151 -2.43 -20.23 3.36
CA ARG A 151 -3.25 -21.44 3.49
C ARG A 151 -3.81 -21.85 2.13
N LEU A 152 -4.31 -20.87 1.39
CA LEU A 152 -4.83 -21.14 0.05
C LEU A 152 -3.74 -21.66 -0.89
N THR A 153 -2.54 -21.10 -0.79
CA THR A 153 -1.41 -21.57 -1.58
C THR A 153 -1.04 -23.01 -1.20
N GLU A 154 -0.96 -23.31 0.09
CA GLU A 154 -0.75 -24.69 0.57
C GLU A 154 -1.70 -25.69 -0.09
N ARG A 155 -2.90 -25.23 -0.47
CA ARG A 155 -3.89 -26.08 -1.10
C ARG A 155 -3.93 -25.95 -2.61
N GLY A 156 -2.86 -25.40 -3.19
CA GLY A 156 -2.75 -25.27 -4.65
C GLY A 156 -3.78 -24.35 -5.27
N VAL A 157 -4.21 -23.33 -4.55
CA VAL A 157 -5.09 -22.32 -5.09
C VAL A 157 -4.19 -21.29 -5.73
N LYS A 158 -4.26 -21.18 -7.06
CA LYS A 158 -3.35 -20.32 -7.82
C LYS A 158 -3.86 -18.88 -7.89
N PHE A 159 -2.95 -17.92 -7.78
CA PHE A 159 -3.26 -16.49 -7.81
C PHE A 159 -2.76 -15.79 -9.07
N PHE A 160 -3.59 -14.91 -9.62
CA PHE A 160 -3.23 -14.13 -10.80
C PHE A 160 -3.70 -12.71 -10.63
N GLN A 161 -2.82 -11.76 -10.97
CA GLN A 161 -3.14 -10.33 -10.86
C GLN A 161 -3.62 -9.81 -12.20
N ARG A 162 -4.89 -9.41 -12.25
CA ARG A 162 -5.50 -8.96 -13.50
C ARG A 162 -6.82 -8.26 -13.24
N LYS A 163 -7.14 -7.27 -14.07
CA LYS A 163 -8.37 -6.50 -13.89
C LYS A 163 -9.49 -7.04 -14.79
N VAL A 164 -10.53 -7.56 -14.15
CA VAL A 164 -11.67 -8.11 -14.86
C VAL A 164 -12.57 -6.96 -15.31
N GLU A 165 -12.90 -6.94 -16.60
CA GLU A 165 -13.77 -5.90 -17.19
C GLU A 165 -15.24 -6.35 -17.23
N SER A 166 -15.47 -7.66 -17.19
CA SER A 166 -16.84 -8.18 -17.19
C SER A 166 -16.88 -9.63 -16.73
N PHE A 167 -18.04 -10.05 -16.23
CA PHE A 167 -18.24 -11.46 -15.91
C PHE A 167 -18.14 -12.31 -17.19
N GLU A 168 -18.69 -11.77 -18.27
CA GLU A 168 -18.63 -12.42 -19.58
C GLU A 168 -17.19 -12.73 -19.97
N GLU A 169 -16.27 -11.78 -19.72
CA GLU A 169 -14.84 -12.00 -19.89
C GLU A 169 -14.38 -13.27 -19.19
N VAL A 170 -14.72 -13.40 -17.91
CA VAL A 170 -14.31 -14.56 -17.11
C VAL A 170 -14.96 -15.85 -17.59
N ALA A 171 -16.20 -15.74 -18.08
CA ALA A 171 -16.96 -16.89 -18.57
C ALA A 171 -16.29 -17.53 -19.78
N ARG A 172 -16.06 -16.73 -20.81
CA ARG A 172 -15.38 -17.18 -22.03
C ARG A 172 -14.11 -17.98 -21.74
N GLU A 173 -13.41 -17.63 -20.66
CA GLU A 173 -12.20 -18.34 -20.25
C GLU A 173 -12.51 -19.83 -19.95
N GLY A 174 -13.72 -20.09 -19.47
CA GLY A 174 -14.20 -21.46 -19.25
C GLY A 174 -14.47 -21.79 -17.79
N ALA A 175 -15.01 -20.82 -17.05
CA ALA A 175 -15.24 -20.96 -15.62
C ALA A 175 -16.71 -21.27 -15.35
N ASP A 176 -16.94 -22.30 -14.53
CA ASP A 176 -18.29 -22.76 -14.23
C ASP A 176 -18.99 -21.86 -13.21
N VAL A 177 -18.26 -21.46 -12.17
CA VAL A 177 -18.80 -20.60 -11.11
C VAL A 177 -17.91 -19.39 -10.92
N ILE A 178 -18.53 -18.21 -10.92
CA ILE A 178 -17.83 -16.96 -10.61
C ILE A 178 -18.26 -16.48 -9.24
N VAL A 179 -17.30 -16.29 -8.34
CA VAL A 179 -17.60 -15.76 -7.01
C VAL A 179 -17.09 -14.33 -6.93
N ASN A 180 -18.03 -13.38 -6.92
CA ASN A 180 -17.75 -11.97 -7.05
C ASN A 180 -17.63 -11.30 -5.68
N CYS A 181 -16.39 -11.17 -5.21
CA CYS A 181 -16.09 -10.50 -3.94
C CYS A 181 -15.28 -9.23 -4.18
N THR A 182 -15.71 -8.48 -5.19
CA THR A 182 -15.03 -7.26 -5.63
C THR A 182 -15.18 -6.07 -4.66
N GLY A 183 -16.07 -6.18 -3.67
CA GLY A 183 -16.22 -5.15 -2.67
C GLY A 183 -16.80 -3.89 -3.27
N VAL A 184 -16.14 -2.76 -3.04
CA VAL A 184 -16.68 -1.46 -3.44
C VAL A 184 -16.65 -1.26 -4.96
N TRP A 185 -15.69 -1.90 -5.63
CA TRP A 185 -15.57 -1.81 -7.09
C TRP A 185 -16.55 -2.71 -7.87
N ALA A 186 -17.47 -3.36 -7.17
CA ALA A 186 -18.40 -4.31 -7.80
C ALA A 186 -19.25 -3.66 -8.89
N GLY A 187 -19.72 -2.44 -8.61
CA GLY A 187 -20.63 -1.72 -9.51
C GLY A 187 -20.14 -1.52 -10.93
N ALA A 188 -18.85 -1.71 -11.16
CA ALA A 188 -18.29 -1.70 -12.51
C ALA A 188 -18.73 -2.91 -13.28
N LEU A 189 -18.66 -4.09 -12.66
CA LEU A 189 -19.00 -5.34 -13.33
C LEU A 189 -20.49 -5.53 -13.53
N GLN A 190 -21.28 -5.03 -12.58
CA GLN A 190 -22.74 -4.98 -12.70
C GLN A 190 -23.27 -3.81 -11.88
N ARG A 191 -23.86 -2.84 -12.56
CA ARG A 191 -24.38 -1.64 -11.92
C ARG A 191 -25.17 -1.95 -10.65
N ASP A 192 -25.03 -1.09 -9.65
CA ASP A 192 -25.72 -1.24 -8.37
C ASP A 192 -25.72 0.10 -7.65
N PRO A 193 -26.78 0.89 -7.83
CA PRO A 193 -26.83 2.22 -7.21
C PRO A 193 -26.96 2.17 -5.68
N LEU A 194 -27.29 1.00 -5.11
CA LEU A 194 -27.28 0.82 -3.65
C LEU A 194 -25.85 0.70 -3.11
N LEU A 195 -24.89 0.36 -3.98
CA LEU A 195 -23.48 0.31 -3.60
C LEU A 195 -22.80 1.67 -3.73
N GLN A 196 -22.63 2.35 -2.60
CA GLN A 196 -21.91 3.61 -2.50
C GLN A 196 -20.62 3.42 -1.73
N PRO A 197 -19.50 4.05 -2.18
CA PRO A 197 -18.29 4.03 -1.37
C PRO A 197 -18.43 4.94 -0.15
N GLY A 198 -18.12 4.41 1.02
CA GLY A 198 -18.09 5.20 2.25
C GLY A 198 -16.65 5.46 2.63
N ARG A 199 -16.05 6.46 2.00
CA ARG A 199 -14.62 6.74 2.16
C ARG A 199 -14.27 6.95 3.62
N GLY A 200 -13.15 6.36 4.02
CA GLY A 200 -12.61 6.55 5.36
C GLY A 200 -11.11 6.75 5.28
N GLN A 201 -10.57 7.41 6.29
CA GLN A 201 -9.15 7.64 6.40
C GLN A 201 -8.73 7.41 7.85
N ILE A 202 -7.58 6.80 8.02
CA ILE A 202 -7.04 6.51 9.34
C ILE A 202 -5.57 6.88 9.34
N MET A 203 -5.02 7.17 10.52
CA MET A 203 -3.58 7.23 10.65
C MET A 203 -3.10 6.26 11.74
N LYS A 204 -1.95 5.64 11.50
CA LYS A 204 -1.35 4.70 12.44
C LYS A 204 -0.31 5.47 13.24
N VAL A 205 -0.54 5.62 14.54
CA VAL A 205 0.44 6.27 15.42
C VAL A 205 1.12 5.28 16.35
N ASP A 206 2.18 5.75 16.99
CA ASP A 206 2.92 4.96 17.96
C ASP A 206 2.58 5.38 19.39
N ALA A 207 1.70 4.62 20.03
CA ALA A 207 1.28 4.89 21.41
C ALA A 207 1.00 3.55 22.09
N PRO A 208 2.06 2.82 22.49
CA PRO A 208 1.92 1.46 23.03
C PRO A 208 1.21 1.35 24.38
N TRP A 209 1.11 2.45 25.12
CA TRP A 209 0.41 2.45 26.40
C TRP A 209 -1.10 2.28 26.27
N MET A 210 -1.62 2.51 25.07
CA MET A 210 -3.03 2.31 24.79
C MET A 210 -3.41 0.82 24.72
N LYS A 211 -4.13 0.36 25.74
CA LYS A 211 -4.51 -1.04 25.85
C LYS A 211 -5.99 -1.32 25.55
N HIS A 212 -6.79 -0.26 25.40
CA HIS A 212 -8.21 -0.38 25.07
C HIS A 212 -8.55 0.33 23.78
N PHE A 213 -9.56 -0.17 23.07
CA PHE A 213 -10.18 0.58 21.99
C PHE A 213 -11.17 1.56 22.57
N ILE A 214 -11.39 2.67 21.88
CA ILE A 214 -12.44 3.63 22.21
C ILE A 214 -13.18 4.03 20.94
N LEU A 215 -14.48 3.77 20.89
CA LEU A 215 -15.34 4.24 19.81
C LEU A 215 -16.32 5.27 20.32
N THR A 216 -16.55 6.32 19.54
CA THR A 216 -17.53 7.36 19.87
C THR A 216 -18.64 7.40 18.84
N HIS A 217 -19.75 8.08 19.18
CA HIS A 217 -20.95 8.13 18.35
C HIS A 217 -21.60 9.53 18.41
N ASP A 218 -21.05 10.44 17.61
CA ASP A 218 -21.45 11.85 17.57
C ASP A 218 -21.63 12.28 16.11
N PRO A 219 -22.88 12.37 15.63
CA PRO A 219 -23.09 12.57 14.19
C PRO A 219 -23.15 14.05 13.75
N GLU A 220 -22.57 14.97 14.53
CA GLU A 220 -22.57 16.41 14.20
C GLU A 220 -21.98 16.67 12.81
N ARG A 221 -20.99 15.86 12.42
CA ARG A 221 -20.32 15.98 11.12
C ARG A 221 -20.86 15.04 10.01
N GLY A 222 -22.07 14.53 10.20
CA GLY A 222 -22.59 13.42 9.42
C GLY A 222 -22.27 12.18 10.22
N ILE A 223 -23.15 11.19 10.21
CA ILE A 223 -22.97 9.99 11.04
C ILE A 223 -21.62 9.35 10.73
N TYR A 224 -20.97 8.79 11.75
CA TYR A 224 -19.67 8.13 11.61
C TYR A 224 -18.53 9.06 11.16
N ASN A 225 -18.64 10.34 11.49
CA ASN A 225 -17.54 11.28 11.36
C ASN A 225 -17.22 11.79 12.76
N SER A 226 -16.66 10.86 13.54
CA SER A 226 -16.54 10.96 14.99
C SER A 226 -15.31 10.13 15.40
N PRO A 227 -14.55 10.62 16.39
CA PRO A 227 -13.23 10.03 16.62
C PRO A 227 -13.24 8.62 17.18
N TYR A 228 -12.31 7.79 16.71
CA TYR A 228 -12.08 6.49 17.34
C TYR A 228 -10.60 6.10 17.43
N ILE A 229 -10.30 5.31 18.46
CA ILE A 229 -8.94 4.88 18.78
C ILE A 229 -8.99 3.35 18.92
N ILE A 230 -8.18 2.65 18.13
CA ILE A 230 -8.23 1.21 18.11
C ILE A 230 -6.83 0.66 18.08
N PRO A 231 -6.31 0.24 19.24
CA PRO A 231 -4.94 -0.28 19.30
C PRO A 231 -4.76 -1.48 18.39
N GLY A 232 -3.58 -1.59 17.79
CA GLY A 232 -3.21 -2.76 17.03
C GLY A 232 -2.01 -3.39 17.69
N THR A 233 -1.36 -4.29 16.97
CA THR A 233 -0.18 -4.96 17.48
C THR A 233 0.97 -3.98 17.61
N GLN A 234 1.41 -3.44 16.48
CA GLN A 234 2.59 -2.58 16.45
C GLN A 234 2.23 -1.10 16.63
N THR A 235 1.13 -0.67 16.01
CA THR A 235 0.71 0.73 16.05
C THR A 235 -0.71 0.85 16.56
N VAL A 236 -1.16 2.09 16.75
CA VAL A 236 -2.55 2.40 17.13
C VAL A 236 -3.30 3.11 15.99
N THR A 237 -4.47 2.61 15.66
CA THR A 237 -5.25 3.16 14.56
C THR A 237 -6.09 4.27 15.08
N LEU A 238 -5.95 5.44 14.45
CA LEU A 238 -6.77 6.63 14.76
C LEU A 238 -7.66 6.89 13.58
N GLY A 239 -8.90 7.27 13.83
CA GLY A 239 -9.80 7.50 12.72
C GLY A 239 -11.14 8.08 13.09
N GLY A 240 -12.11 7.88 12.20
CA GLY A 240 -13.43 8.48 12.32
C GLY A 240 -13.78 9.38 11.15
N ILE A 241 -13.74 8.82 9.95
CA ILE A 241 -14.16 9.51 8.73
C ILE A 241 -15.02 8.56 7.91
N PHE A 242 -16.15 9.06 7.41
CA PHE A 242 -17.12 8.24 6.65
C PHE A 242 -17.84 9.13 5.64
N GLN A 243 -17.31 9.20 4.42
CA GLN A 243 -17.80 10.16 3.43
C GLN A 243 -18.45 9.45 2.26
N LEU A 244 -19.78 9.38 2.28
CA LEU A 244 -20.53 8.70 1.24
C LEU A 244 -20.34 9.42 -0.06
N GLY A 245 -19.94 8.68 -1.09
CA GLY A 245 -19.83 9.22 -2.43
C GLY A 245 -18.44 9.67 -2.83
N ASN A 246 -17.55 9.88 -1.86
CA ASN A 246 -16.18 10.27 -2.17
C ASN A 246 -15.32 9.09 -2.65
N TRP A 247 -14.72 9.26 -3.82
CA TRP A 247 -13.91 8.24 -4.48
C TRP A 247 -12.43 8.56 -4.43
N SER A 248 -12.06 9.64 -3.72
CA SER A 248 -10.68 10.11 -3.73
C SER A 248 -9.78 9.24 -2.87
N GLU A 249 -8.98 8.40 -3.53
CA GLU A 249 -8.01 7.53 -2.84
C GLU A 249 -6.74 8.34 -2.56
N LEU A 250 -6.89 9.33 -1.69
CA LEU A 250 -5.84 10.28 -1.44
C LEU A 250 -5.99 10.73 0.01
N ASN A 251 -4.93 10.66 0.79
CA ASN A 251 -4.98 11.17 2.15
C ASN A 251 -5.30 12.65 2.05
N ASN A 252 -6.04 13.17 3.03
CA ASN A 252 -6.57 14.53 2.97
C ASN A 252 -6.27 15.30 4.26
N ILE A 253 -5.71 16.50 4.14
CA ILE A 253 -5.22 17.24 5.29
C ILE A 253 -6.34 17.68 6.24
N GLN A 254 -7.48 18.07 5.69
CA GLN A 254 -8.61 18.50 6.52
C GLN A 254 -9.06 17.34 7.41
N ASP A 255 -9.10 16.14 6.83
CA ASP A 255 -9.47 14.92 7.54
C ASP A 255 -8.38 14.42 8.49
N HIS A 256 -7.13 14.58 8.08
CA HIS A 256 -5.98 14.28 8.95
C HIS A 256 -6.10 15.05 10.27
N ASN A 257 -6.41 16.33 10.20
CA ASN A 257 -6.55 17.15 11.40
C ASN A 257 -7.79 16.79 12.20
N THR A 258 -8.89 16.51 11.51
CA THR A 258 -10.14 16.14 12.18
C THR A 258 -9.96 14.94 13.10
N ILE A 259 -9.22 13.94 12.62
CA ILE A 259 -8.95 12.73 13.39
C ILE A 259 -8.06 13.08 14.58
N TRP A 260 -6.95 13.76 14.27
CA TRP A 260 -5.95 14.15 15.26
C TRP A 260 -6.56 14.94 16.41
N GLU A 261 -7.38 15.91 16.08
CA GLU A 261 -8.05 16.74 17.07
C GLU A 261 -9.04 15.93 17.88
N GLY A 262 -9.88 15.19 17.17
CA GLY A 262 -10.89 14.37 17.81
C GLY A 262 -10.30 13.39 18.80
N CYS A 263 -9.24 12.71 18.37
CA CYS A 263 -8.65 11.66 19.20
C CYS A 263 -7.86 12.24 20.36
N CYS A 264 -7.15 13.35 20.14
CA CYS A 264 -6.45 14.03 21.22
C CYS A 264 -7.40 14.50 22.34
N ARG A 265 -8.64 14.87 22.01
CA ARG A 265 -9.60 15.33 23.02
C ARG A 265 -10.06 14.15 23.86
N LEU A 266 -10.33 13.02 23.22
CA LEU A 266 -10.66 11.77 23.91
C LEU A 266 -9.55 11.30 24.85
N GLU A 267 -8.31 11.43 24.37
CA GLU A 267 -7.18 10.78 24.99
C GLU A 267 -5.95 11.69 24.85
N PRO A 268 -5.84 12.72 25.71
CA PRO A 268 -4.73 13.69 25.62
C PRO A 268 -3.32 13.10 25.59
N THR A 269 -3.11 11.99 26.27
CA THR A 269 -1.81 11.29 26.27
C THR A 269 -1.26 11.10 24.85
N LEU A 270 -2.17 11.10 23.88
CA LEU A 270 -1.88 10.86 22.48
C LEU A 270 -1.16 12.03 21.80
N LYS A 271 -1.14 13.19 22.45
CA LYS A 271 -0.56 14.43 21.88
C LYS A 271 0.86 14.24 21.36
N ASN A 272 1.71 13.59 22.17
CA ASN A 272 3.12 13.37 21.80
C ASN A 272 3.37 11.95 21.24
N ALA A 273 2.48 11.49 20.35
CA ALA A 273 2.62 10.16 19.75
C ALA A 273 3.09 10.30 18.31
N ARG A 274 4.20 9.66 17.97
CA ARG A 274 4.77 9.77 16.61
C ARG A 274 3.86 9.11 15.58
N ILE A 275 3.52 9.84 14.52
CA ILE A 275 2.68 9.31 13.47
C ILE A 275 3.52 8.42 12.56
N ILE A 276 3.09 7.17 12.40
CA ILE A 276 3.82 6.18 11.62
C ILE A 276 3.32 6.11 10.18
N GLY A 277 2.05 6.41 9.97
CA GLY A 277 1.48 6.30 8.62
C GLY A 277 0.04 6.76 8.50
N GLU A 278 -0.44 6.83 7.27
CA GLU A 278 -1.78 7.29 7.01
C GLU A 278 -2.29 6.71 5.70
N ARG A 279 -3.49 6.15 5.73
CA ARG A 279 -4.07 5.48 4.58
C ARG A 279 -5.53 5.88 4.37
N THR A 280 -5.94 5.95 3.11
CA THR A 280 -7.33 6.14 2.78
C THR A 280 -7.87 4.83 2.22
N GLY A 281 -9.12 4.54 2.54
CA GLY A 281 -9.83 3.35 2.01
C GLY A 281 -11.33 3.57 1.89
N PHE A 282 -11.98 2.72 1.11
CA PHE A 282 -13.42 2.87 0.89
C PHE A 282 -14.23 1.68 1.42
N ARG A 283 -15.14 1.97 2.35
CA ARG A 283 -16.08 0.98 2.83
C ARG A 283 -17.09 0.73 1.74
N PRO A 284 -17.36 -0.55 1.40
CA PRO A 284 -18.40 -0.84 0.42
C PRO A 284 -19.76 -0.83 1.09
N VAL A 285 -20.44 0.31 1.05
CA VAL A 285 -21.68 0.48 1.80
C VAL A 285 -22.89 0.05 0.96
N ARG A 286 -23.81 -0.64 1.63
CA ARG A 286 -25.05 -1.08 1.02
C ARG A 286 -26.09 -1.30 2.12
N PRO A 287 -27.37 -0.99 1.85
CA PRO A 287 -28.37 -1.12 2.92
C PRO A 287 -28.32 -2.50 3.56
N GLN A 288 -28.20 -3.52 2.72
CA GLN A 288 -27.88 -4.86 3.20
C GLN A 288 -26.77 -5.45 2.32
N ILE A 289 -26.08 -6.46 2.85
CA ILE A 289 -25.04 -7.13 2.10
C ILE A 289 -25.68 -7.81 0.89
N ARG A 290 -24.94 -7.92 -0.21
CA ARG A 290 -25.41 -8.73 -1.33
C ARG A 290 -24.71 -10.07 -1.37
N LEU A 291 -25.35 -11.07 -0.77
CA LEU A 291 -24.88 -12.45 -0.81
C LEU A 291 -25.98 -13.33 -1.39
N GLU A 292 -25.88 -13.63 -2.67
CA GLU A 292 -26.92 -14.35 -3.37
C GLU A 292 -26.42 -14.94 -4.69
N ARG A 293 -27.11 -16.00 -5.14
CA ARG A 293 -26.78 -16.67 -6.41
C ARG A 293 -27.41 -15.93 -7.60
N GLU A 294 -26.81 -16.04 -8.78
CA GLU A 294 -27.35 -15.42 -10.00
C GLU A 294 -26.81 -16.08 -11.28
N GLN A 295 -27.72 -16.42 -12.20
CA GLN A 295 -27.36 -17.06 -13.48
C GLN A 295 -27.06 -15.99 -14.53
N LEU A 296 -25.83 -15.94 -15.05
CA LEU A 296 -25.39 -14.81 -15.91
C LEU A 296 -26.11 -14.79 -17.24
N ARG A 297 -26.27 -13.60 -17.81
CA ARG A 297 -26.95 -13.38 -19.11
C ARG A 297 -26.53 -14.39 -20.19
N THR A 298 -25.23 -14.45 -20.45
CA THR A 298 -24.64 -15.37 -21.43
C THR A 298 -24.34 -16.73 -20.76
N THR A 303 -23.50 -20.26 -16.82
CA THR A 303 -22.48 -19.65 -15.96
C THR A 303 -23.07 -19.02 -14.67
N GLU A 304 -22.74 -19.60 -13.51
CA GLU A 304 -23.31 -19.17 -12.23
C GLU A 304 -22.46 -18.10 -11.54
N VAL A 305 -23.13 -17.24 -10.77
CA VAL A 305 -22.48 -16.19 -9.99
C VAL A 305 -22.97 -16.22 -8.55
N ILE A 306 -22.03 -16.15 -7.60
CA ILE A 306 -22.34 -15.84 -6.21
C ILE A 306 -21.80 -14.46 -5.90
N HIS A 307 -22.71 -13.50 -5.71
CA HIS A 307 -22.33 -12.19 -5.21
C HIS A 307 -22.02 -12.31 -3.73
N ASN A 308 -20.94 -11.65 -3.29
CA ASN A 308 -20.63 -11.53 -1.88
C ASN A 308 -19.89 -10.23 -1.64
N TYR A 309 -20.64 -9.14 -1.57
CA TYR A 309 -20.06 -7.80 -1.43
C TYR A 309 -21.04 -6.86 -0.77
N GLY A 310 -20.50 -5.77 -0.22
CA GLY A 310 -21.30 -4.72 0.41
C GLY A 310 -21.31 -4.81 1.92
N HIS A 311 -20.14 -5.10 2.49
CA HIS A 311 -20.00 -5.35 3.92
C HIS A 311 -19.76 -4.07 4.74
N GLY A 312 -19.73 -2.92 4.06
CA GLY A 312 -19.59 -1.62 4.74
C GLY A 312 -18.38 -1.55 5.65
N GLY A 313 -18.59 -1.07 6.86
CA GLY A 313 -17.51 -0.97 7.84
C GLY A 313 -17.34 -2.17 8.76
N TYR A 314 -17.89 -3.34 8.42
CA TYR A 314 -17.84 -4.51 9.32
C TYR A 314 -17.46 -5.83 8.60
N GLY A 315 -16.64 -5.71 7.58
CA GLY A 315 -16.27 -6.84 6.74
C GLY A 315 -15.44 -7.87 7.47
N LEU A 316 -14.53 -7.40 8.32
CA LEU A 316 -13.74 -8.32 9.11
C LEU A 316 -14.61 -8.93 10.20
N THR A 317 -15.56 -8.14 10.71
CA THR A 317 -16.47 -8.60 11.76
C THR A 317 -17.33 -9.78 11.31
N ILE A 318 -17.77 -9.73 10.06
CA ILE A 318 -18.80 -10.63 9.54
C ILE A 318 -18.27 -11.63 8.51
N HIS A 319 -16.97 -11.57 8.19
CA HIS A 319 -16.48 -12.24 6.97
C HIS A 319 -16.78 -13.73 6.93
N TRP A 320 -16.58 -14.39 8.07
CA TRP A 320 -16.57 -15.85 8.12
C TRP A 320 -17.97 -16.42 7.98
N GLY A 321 -18.95 -15.73 8.55
CA GLY A 321 -20.34 -16.12 8.39
C GLY A 321 -20.75 -16.01 6.93
N CYS A 322 -20.26 -14.96 6.27
CA CYS A 322 -20.51 -14.76 4.85
C CYS A 322 -19.81 -15.80 3.98
N ALA A 323 -18.65 -16.27 4.43
CA ALA A 323 -17.92 -17.27 3.67
C ALA A 323 -18.65 -18.61 3.70
N LEU A 324 -19.11 -19.00 4.89
CA LEU A 324 -19.85 -20.24 5.05
C LEU A 324 -21.15 -20.19 4.25
N GLU A 325 -21.87 -19.07 4.32
CA GLU A 325 -23.13 -18.93 3.60
C GLU A 325 -22.90 -18.94 2.11
N ALA A 326 -21.73 -18.49 1.67
CA ALA A 326 -21.36 -18.56 0.26
C ALA A 326 -21.01 -19.99 -0.15
N ALA A 327 -20.40 -20.73 0.76
CA ALA A 327 -20.04 -22.12 0.50
C ALA A 327 -21.30 -22.99 0.44
N LYS A 328 -22.23 -22.77 1.37
CA LYS A 328 -23.52 -23.44 1.34
C LYS A 328 -24.28 -23.07 0.04
N LEU A 329 -24.11 -21.83 -0.43
CA LEU A 329 -24.63 -21.46 -1.76
C LEU A 329 -23.90 -22.19 -2.89
N PHE A 330 -22.58 -22.33 -2.76
CA PHE A 330 -21.79 -23.09 -3.72
C PHE A 330 -22.21 -24.57 -3.80
N GLY A 331 -22.56 -25.15 -2.64
CA GLY A 331 -23.08 -26.50 -2.60
C GLY A 331 -24.40 -26.61 -3.33
N ARG A 332 -25.33 -25.73 -2.98
CA ARG A 332 -26.66 -25.68 -3.60
C ARG A 332 -26.58 -25.67 -5.14
N ILE A 333 -25.51 -25.09 -5.68
CA ILE A 333 -25.24 -25.10 -7.12
C ILE A 333 -24.60 -26.40 -7.60
N LEU A 334 -23.71 -26.98 -6.80
CA LEU A 334 -23.05 -28.24 -7.21
C LEU A 334 -24.06 -29.38 -7.33
N GLU A 335 -25.08 -29.38 -6.49
CA GLU A 335 -26.12 -30.40 -6.57
C GLU A 335 -27.12 -30.20 -7.74
N GLU A 336 -26.85 -29.26 -8.64
CA GLU A 336 -27.63 -29.06 -9.87
C GLU A 336 -26.88 -29.56 -11.09
N MET B 1 0.75 30.49 -16.71
CA MET B 1 0.27 29.27 -17.41
C MET B 1 -0.51 28.37 -16.44
N ARG B 2 -1.35 27.51 -17.01
CA ARG B 2 -2.07 26.47 -16.26
C ARG B 2 -1.32 25.16 -16.44
N VAL B 3 -0.63 24.72 -15.40
CA VAL B 3 0.20 23.51 -15.46
C VAL B 3 -0.50 22.32 -14.82
N VAL B 4 -0.30 21.15 -15.43
CA VAL B 4 -0.76 19.90 -14.87
C VAL B 4 0.37 18.89 -14.93
N VAL B 5 0.71 18.31 -13.78
CA VAL B 5 1.69 17.25 -13.73
C VAL B 5 0.93 15.95 -13.54
N ILE B 6 1.22 14.96 -14.39
CA ILE B 6 0.65 13.63 -14.26
C ILE B 6 1.69 12.71 -13.61
N GLY B 7 1.37 12.23 -12.42
CA GLY B 7 2.26 11.33 -11.67
C GLY B 7 2.52 11.92 -10.30
N ALA B 8 2.45 11.10 -9.26
CA ALA B 8 2.77 11.54 -7.91
C ALA B 8 3.84 10.68 -7.24
N GLY B 9 4.67 10.05 -8.06
CA GLY B 9 5.88 9.39 -7.57
C GLY B 9 6.98 10.42 -7.49
N VAL B 10 8.18 9.98 -7.13
CA VAL B 10 9.34 10.86 -6.98
C VAL B 10 9.53 11.83 -8.17
N ILE B 11 9.35 11.34 -9.39
CA ILE B 11 9.60 12.16 -10.57
C ILE B 11 8.54 13.25 -10.69
N GLY B 12 7.27 12.84 -10.63
CA GLY B 12 6.15 13.77 -10.73
C GLY B 12 6.24 14.88 -9.68
N LEU B 13 6.42 14.51 -8.43
CA LEU B 13 6.41 15.50 -7.36
C LEU B 13 7.68 16.35 -7.38
N SER B 14 8.83 15.72 -7.56
CA SER B 14 10.09 16.47 -7.62
C SER B 14 10.03 17.49 -8.76
N THR B 15 9.46 17.10 -9.89
CA THR B 15 9.33 17.98 -11.03
C THR B 15 8.41 19.17 -10.68
N ALA B 16 7.21 18.88 -10.17
CA ALA B 16 6.24 19.93 -9.82
C ALA B 16 6.81 20.98 -8.87
N LEU B 17 7.51 20.52 -7.85
CA LEU B 17 8.13 21.41 -6.86
C LEU B 17 9.26 22.21 -7.52
N CYS B 18 10.11 21.50 -8.24
CA CYS B 18 11.29 22.08 -8.85
C CYS B 18 10.92 23.16 -9.89
N ILE B 19 9.77 23.01 -10.53
CA ILE B 19 9.25 24.03 -11.44
C ILE B 19 8.67 25.18 -10.64
N HIS B 20 7.82 24.88 -9.66
CA HIS B 20 7.24 25.91 -8.80
C HIS B 20 8.30 26.85 -8.22
N GLU B 21 9.49 26.32 -7.94
CA GLU B 21 10.59 27.12 -7.38
C GLU B 21 11.26 28.02 -8.40
N ARG B 22 11.56 27.49 -9.58
CA ARG B 22 12.19 28.28 -10.64
C ARG B 22 11.32 29.45 -11.09
N TYR B 23 10.00 29.25 -11.15
CA TYR B 23 9.08 30.22 -11.78
C TYR B 23 7.86 30.59 -10.92
N HIS B 24 7.97 31.67 -10.15
CA HIS B 24 6.84 32.22 -9.40
C HIS B 24 7.08 33.69 -9.02
N LEU B 30 0.90 31.42 -11.25
CA LEU B 30 1.16 30.05 -11.71
C LEU B 30 0.27 29.03 -11.00
N ASP B 31 -0.43 28.23 -11.81
CA ASP B 31 -1.37 27.24 -11.30
C ASP B 31 -0.93 25.82 -11.66
N ILE B 32 -0.43 25.09 -10.66
CA ILE B 32 0.05 23.72 -10.87
C ILE B 32 -0.91 22.76 -10.18
N LYS B 33 -1.40 21.78 -10.93
CA LYS B 33 -2.23 20.71 -10.41
C LYS B 33 -1.52 19.38 -10.67
N VAL B 34 -1.46 18.52 -9.64
CA VAL B 34 -0.95 17.16 -9.79
C VAL B 34 -2.11 16.21 -9.96
N TYR B 35 -2.11 15.45 -11.05
CA TYR B 35 -3.09 14.38 -11.27
C TYR B 35 -2.36 13.05 -11.26
N ALA B 36 -2.92 12.07 -10.54
CA ALA B 36 -2.41 10.69 -10.57
C ALA B 36 -3.48 9.72 -10.06
N ASP B 37 -3.50 8.50 -10.61
CA ASP B 37 -4.46 7.50 -10.14
C ASP B 37 -3.96 6.75 -8.88
N ARG B 38 -2.65 6.83 -8.58
CA ARG B 38 -2.08 6.22 -7.38
C ARG B 38 -1.14 7.16 -6.62
N PHE B 39 -1.48 7.45 -5.37
CA PHE B 39 -0.59 8.19 -4.46
C PHE B 39 -0.01 7.24 -3.42
N THR B 40 0.90 7.74 -2.58
CA THR B 40 1.53 6.89 -1.56
C THR B 40 0.48 6.17 -0.73
N PRO B 41 0.84 4.99 -0.17
CA PRO B 41 2.08 4.25 -0.44
C PRO B 41 1.95 3.24 -1.60
N LEU B 42 1.16 3.58 -2.61
CA LEU B 42 0.84 2.64 -3.69
C LEU B 42 1.60 2.91 -5.00
N THR B 43 2.66 3.72 -4.94
CA THR B 43 3.48 4.03 -6.12
C THR B 43 4.69 3.12 -6.18
N THR B 44 5.33 3.08 -7.35
CA THR B 44 6.56 2.33 -7.51
C THR B 44 7.66 2.92 -6.64
N THR B 45 7.60 4.23 -6.45
CA THR B 45 8.54 4.92 -5.59
C THR B 45 8.52 4.40 -4.15
N ASP B 46 7.35 3.97 -3.69
CA ASP B 46 7.20 3.47 -2.32
C ASP B 46 7.86 2.10 -2.13
N VAL B 47 7.97 1.34 -3.22
CA VAL B 47 8.59 0.02 -3.20
C VAL B 47 10.12 0.08 -3.03
N ALA B 48 10.76 1.02 -3.73
CA ALA B 48 12.23 1.10 -3.80
C ALA B 48 12.90 1.22 -2.44
N ALA B 49 14.02 0.53 -2.28
CA ALA B 49 14.87 0.65 -1.09
C ALA B 49 15.31 2.09 -0.90
N GLY B 50 15.78 2.69 -1.99
CA GLY B 50 16.13 4.11 -2.01
C GLY B 50 17.61 4.39 -1.97
N LEU B 51 18.43 3.41 -2.37
CA LEU B 51 19.87 3.59 -2.46
C LEU B 51 20.21 4.52 -3.61
N TRP B 52 21.06 5.51 -3.37
CA TRP B 52 21.67 6.25 -4.45
C TRP B 52 22.77 5.39 -5.06
N GLN B 53 22.59 5.05 -6.32
CA GLN B 53 23.60 4.34 -7.10
C GLN B 53 23.03 4.06 -8.47
N PRO B 54 23.61 4.67 -9.51
CA PRO B 54 23.09 4.33 -10.83
C PRO B 54 23.44 2.91 -11.26
N TYR B 55 22.84 2.48 -12.36
CA TYR B 55 23.15 1.19 -12.95
C TYR B 55 24.45 1.28 -13.74
N LEU B 56 24.94 0.14 -14.23
CA LEU B 56 26.18 0.07 -14.98
C LEU B 56 25.90 0.01 -16.48
N PRO B 62 24.52 8.82 -20.44
CA PRO B 62 25.57 9.76 -20.90
C PRO B 62 25.40 11.17 -20.27
N GLN B 63 24.39 11.93 -20.73
CA GLN B 63 23.92 13.10 -19.98
C GLN B 63 23.55 12.67 -18.57
N GLU B 64 22.95 11.49 -18.47
CA GLU B 64 22.40 10.97 -17.23
C GLU B 64 23.36 11.01 -16.04
N ALA B 65 24.65 10.82 -16.27
CA ALA B 65 25.63 10.87 -15.20
C ALA B 65 25.56 12.20 -14.44
N ASP B 66 25.42 13.30 -15.18
CA ASP B 66 25.30 14.62 -14.57
C ASP B 66 23.99 14.79 -13.78
N TRP B 67 22.90 14.22 -14.28
CA TRP B 67 21.63 14.29 -13.57
C TRP B 67 21.73 13.54 -12.24
N SER B 68 22.36 12.37 -12.27
CA SER B 68 22.63 11.63 -11.05
C SER B 68 23.49 12.46 -10.09
N GLN B 69 24.60 13.00 -10.61
CA GLN B 69 25.56 13.75 -9.78
C GLN B 69 24.97 15.02 -9.19
N GLN B 70 24.03 15.63 -9.91
CA GLN B 70 23.31 16.80 -9.40
C GLN B 70 22.46 16.37 -8.22
N THR B 71 21.73 15.27 -8.40
CA THR B 71 20.90 14.70 -7.35
C THR B 71 21.70 14.37 -6.09
N PHE B 72 22.87 13.74 -6.25
CA PHE B 72 23.66 13.35 -5.10
C PHE B 72 24.02 14.56 -4.25
N ASP B 73 24.62 15.56 -4.89
CA ASP B 73 25.10 16.75 -4.18
C ASP B 73 23.94 17.45 -3.50
N TYR B 74 22.81 17.54 -4.20
CA TYR B 74 21.62 18.17 -3.65
C TYR B 74 21.17 17.49 -2.37
N LEU B 75 21.17 16.16 -2.38
CA LEU B 75 20.81 15.40 -1.20
C LEU B 75 21.90 15.51 -0.13
N LEU B 76 23.16 15.47 -0.55
CA LEU B 76 24.27 15.57 0.40
C LEU B 76 24.23 16.88 1.15
N SER B 77 23.72 17.94 0.53
CA SER B 77 23.53 19.21 1.22
C SER B 77 22.56 19.05 2.40
N HIS B 78 21.49 18.30 2.18
CA HIS B 78 20.43 18.16 3.19
C HIS B 78 20.74 17.14 4.27
N VAL B 79 21.69 16.24 4.00
CA VAL B 79 21.89 15.05 4.83
C VAL B 79 22.22 15.34 6.29
N HIS B 80 22.86 16.48 6.57
CA HIS B 80 23.25 16.81 7.94
C HIS B 80 22.43 17.95 8.56
N SER B 81 21.31 18.29 7.92
CA SER B 81 20.38 19.25 8.51
C SER B 81 19.27 18.51 9.24
N PRO B 82 18.62 19.18 10.23
CA PRO B 82 17.57 18.55 11.03
C PRO B 82 16.37 18.01 10.21
N ASN B 83 16.08 18.68 9.09
CA ASN B 83 15.00 18.28 8.18
C ASN B 83 15.14 16.83 7.64
N ALA B 84 16.37 16.31 7.58
CA ALA B 84 16.68 15.03 6.92
C ALA B 84 15.85 13.82 7.35
N GLU B 85 15.48 13.79 8.62
CA GLU B 85 14.66 12.70 9.15
C GLU B 85 13.33 12.62 8.40
N ASN B 86 12.69 13.78 8.20
CA ASN B 86 11.43 13.86 7.47
C ASN B 86 11.58 13.51 5.99
N LEU B 87 12.76 13.79 5.43
CA LEU B 87 13.09 13.38 4.06
C LEU B 87 13.33 11.88 3.95
N GLY B 88 13.72 11.24 5.06
CA GLY B 88 14.10 9.83 5.07
C GLY B 88 15.44 9.64 4.39
N LEU B 89 16.37 10.52 4.74
CA LEU B 89 17.65 10.62 4.07
C LEU B 89 18.77 10.38 5.09
N PHE B 90 19.74 9.55 4.72
CA PHE B 90 20.88 9.30 5.61
C PHE B 90 22.08 8.72 4.85
N LEU B 91 23.27 8.93 5.42
CA LEU B 91 24.49 8.35 4.86
C LEU B 91 24.56 6.88 5.16
N ILE B 92 25.17 6.13 4.24
CA ILE B 92 25.37 4.71 4.42
C ILE B 92 26.52 4.23 3.52
N SER B 93 27.43 3.46 4.10
CA SER B 93 28.55 2.89 3.35
C SER B 93 28.20 1.46 3.02
N GLY B 94 28.84 0.89 2.01
CA GLY B 94 28.50 -0.47 1.62
C GLY B 94 29.38 -1.09 0.57
N TYR B 95 29.02 -2.31 0.18
CA TYR B 95 29.85 -3.16 -0.66
C TYR B 95 29.16 -3.36 -2.01
N ASN B 96 29.92 -3.35 -3.10
CA ASN B 96 29.45 -3.88 -4.39
C ASN B 96 30.34 -5.07 -4.76
N LEU B 97 29.74 -6.23 -4.99
CA LEU B 97 30.50 -7.45 -5.22
C LEU B 97 30.35 -8.03 -6.64
N PHE B 98 31.49 -8.22 -7.32
CA PHE B 98 31.55 -8.83 -8.68
C PHE B 98 32.41 -10.09 -8.65
N HIS B 99 32.53 -10.76 -9.81
CA HIS B 99 33.43 -11.92 -9.91
C HIS B 99 34.74 -11.53 -10.61
N GLU B 100 34.72 -11.44 -11.94
CA GLU B 100 35.85 -10.89 -12.68
C GLU B 100 35.97 -9.39 -12.35
N ALA B 101 37.20 -8.91 -12.19
CA ALA B 101 37.45 -7.50 -11.95
C ALA B 101 36.93 -6.68 -13.11
N ILE B 102 36.33 -5.52 -12.83
CA ILE B 102 35.88 -4.60 -13.86
C ILE B 102 36.21 -3.16 -13.48
N PRO B 103 36.22 -2.26 -14.48
CA PRO B 103 36.72 -0.91 -14.21
C PRO B 103 35.83 -0.09 -13.28
N ASP B 104 36.42 0.94 -12.69
CA ASP B 104 35.70 1.84 -11.78
C ASP B 104 34.53 2.52 -12.49
N PRO B 105 33.46 2.86 -11.76
CA PRO B 105 32.29 3.43 -12.38
C PRO B 105 32.44 4.91 -12.67
N SER B 106 31.55 5.45 -13.47
CA SER B 106 31.52 6.87 -13.79
C SER B 106 31.36 7.72 -12.53
N TRP B 107 30.61 7.20 -11.56
CA TRP B 107 30.32 7.93 -10.32
C TRP B 107 31.41 7.78 -9.23
N LYS B 108 32.56 7.20 -9.58
CA LYS B 108 33.68 7.05 -8.66
C LYS B 108 33.86 8.27 -7.77
N ASP B 109 33.97 9.42 -8.41
CA ASP B 109 34.27 10.69 -7.73
C ASP B 109 33.06 11.41 -7.15
N THR B 110 31.86 10.98 -7.53
CA THR B 110 30.64 11.59 -7.00
C THR B 110 30.36 11.09 -5.58
N VAL B 111 30.49 9.78 -5.36
CA VAL B 111 30.26 9.22 -4.02
C VAL B 111 31.43 9.52 -3.08
N LEU B 112 31.14 9.54 -1.78
CA LEU B 112 32.15 9.81 -0.77
C LEU B 112 33.06 8.59 -0.56
N GLY B 113 34.36 8.83 -0.58
CA GLY B 113 35.36 7.84 -0.20
C GLY B 113 35.28 6.50 -0.90
N PHE B 114 35.33 6.54 -2.24
CA PHE B 114 35.29 5.33 -3.07
C PHE B 114 36.63 4.62 -3.03
N ARG B 115 36.62 3.29 -3.09
CA ARG B 115 37.85 2.48 -3.16
C ARG B 115 37.60 1.05 -3.59
N LYS B 116 38.67 0.33 -3.91
CA LYS B 116 38.58 -1.10 -4.21
C LYS B 116 38.69 -1.89 -2.93
N LEU B 117 37.97 -3.00 -2.84
CA LEU B 117 37.99 -3.82 -1.64
C LEU B 117 39.36 -4.44 -1.43
N THR B 118 39.85 -4.42 -0.19
CA THR B 118 41.07 -5.13 0.18
C THR B 118 40.84 -6.64 0.14
N PRO B 119 41.93 -7.42 0.02
CA PRO B 119 41.85 -8.87 0.12
C PRO B 119 41.09 -9.35 1.35
N ARG B 120 41.41 -8.76 2.50
CA ARG B 120 40.80 -9.16 3.75
C ARG B 120 39.28 -8.99 3.76
N GLU B 121 38.79 -7.92 3.15
CA GLU B 121 37.35 -7.68 3.01
C GLU B 121 36.70 -8.71 2.09
N LEU B 122 37.37 -9.00 0.98
CA LEU B 122 36.85 -9.96 0.01
C LEU B 122 36.71 -11.37 0.58
N ASP B 123 37.42 -11.67 1.64
CA ASP B 123 37.32 -12.98 2.29
C ASP B 123 35.97 -13.20 2.97
N MET B 124 35.27 -12.10 3.27
CA MET B 124 34.00 -12.15 3.98
C MET B 124 32.85 -12.59 3.07
N PHE B 125 33.11 -12.58 1.76
CA PHE B 125 32.13 -13.00 0.77
C PHE B 125 32.78 -14.07 -0.11
N PRO B 126 32.67 -15.34 0.32
CA PRO B 126 33.35 -16.45 -0.34
C PRO B 126 33.19 -16.47 -1.85
N ASP B 127 31.97 -16.18 -2.33
CA ASP B 127 31.65 -16.39 -3.74
C ASP B 127 32.18 -15.30 -4.68
N TYR B 128 32.57 -14.15 -4.12
CA TYR B 128 32.97 -12.98 -4.92
C TYR B 128 34.45 -12.66 -4.74
N GLY B 129 35.10 -12.24 -5.82
CA GLY B 129 36.57 -12.05 -5.83
C GLY B 129 37.06 -10.64 -6.12
N TYR B 130 36.18 -9.76 -6.57
CA TYR B 130 36.51 -8.36 -6.79
C TYR B 130 35.30 -7.52 -6.39
N GLY B 131 35.52 -6.25 -6.07
CA GLY B 131 34.43 -5.38 -5.66
C GLY B 131 34.85 -4.04 -5.10
N TRP B 132 33.85 -3.22 -4.76
CA TRP B 132 34.09 -1.88 -4.26
C TRP B 132 33.62 -1.71 -2.82
N PHE B 133 34.08 -0.61 -2.22
CA PHE B 133 33.49 -0.06 -1.02
C PHE B 133 33.35 1.44 -1.25
N HIS B 134 32.22 2.01 -0.83
CA HIS B 134 32.04 3.44 -0.88
C HIS B 134 30.94 3.91 0.05
N THR B 135 30.86 5.22 0.26
CA THR B 135 29.82 5.80 1.10
C THR B 135 28.84 6.53 0.19
N SER B 136 27.55 6.23 0.36
CA SER B 136 26.49 6.82 -0.44
C SER B 136 25.36 7.29 0.48
N LEU B 137 24.18 7.55 -0.08
CA LEU B 137 23.00 7.86 0.74
C LEU B 137 21.83 6.95 0.46
N ILE B 138 20.85 7.03 1.35
CA ILE B 138 19.55 6.43 1.12
C ILE B 138 18.48 7.49 1.27
N LEU B 139 17.64 7.60 0.25
CA LEU B 139 16.45 8.45 0.28
C LEU B 139 15.25 7.53 0.25
N GLU B 140 14.63 7.33 1.41
CA GLU B 140 13.51 6.40 1.51
C GLU B 140 12.27 6.96 0.83
N GLY B 141 11.76 6.22 -0.15
CA GLY B 141 10.66 6.68 -0.99
C GLY B 141 9.45 7.15 -0.22
N LYS B 142 8.99 6.35 0.74
CA LYS B 142 7.81 6.69 1.53
C LYS B 142 7.98 8.09 2.10
N ASN B 143 8.94 8.29 2.99
CA ASN B 143 9.12 9.59 3.65
C ASN B 143 9.42 10.75 2.72
N TYR B 144 10.07 10.49 1.58
CA TYR B 144 10.38 11.55 0.64
C TYR B 144 9.12 12.10 -0.04
N LEU B 145 8.17 11.22 -0.36
CA LEU B 145 6.94 11.65 -1.00
C LEU B 145 6.06 12.41 0.00
N GLN B 146 5.98 11.95 1.24
CA GLN B 146 5.29 12.71 2.28
C GLN B 146 5.90 14.11 2.42
N TRP B 147 7.22 14.18 2.31
CA TRP B 147 7.94 15.44 2.42
C TRP B 147 7.64 16.32 1.22
N LEU B 148 7.86 15.80 0.02
CA LEU B 148 7.56 16.53 -1.21
C LEU B 148 6.12 17.01 -1.25
N THR B 149 5.21 16.17 -0.77
CA THR B 149 3.79 16.49 -0.78
C THR B 149 3.44 17.59 0.24
N GLU B 150 4.04 17.52 1.43
CA GLU B 150 3.88 18.57 2.43
C GLU B 150 4.42 19.92 1.95
N ARG B 151 5.51 19.88 1.18
CA ARG B 151 6.12 21.11 0.63
C ARG B 151 5.25 21.69 -0.48
N LEU B 152 4.81 20.83 -1.38
CA LEU B 152 3.95 21.24 -2.49
C LEU B 152 2.63 21.80 -1.98
N THR B 153 2.08 21.18 -0.94
CA THR B 153 0.84 21.66 -0.33
C THR B 153 1.06 23.03 0.32
N GLU B 154 2.16 23.19 1.06
CA GLU B 154 2.55 24.49 1.63
C GLU B 154 2.55 25.61 0.58
N ARG B 155 2.78 25.26 -0.68
CA ARG B 155 2.82 26.23 -1.76
C ARG B 155 1.52 26.25 -2.57
N GLY B 156 0.45 25.70 -2.01
CA GLY B 156 -0.86 25.71 -2.66
C GLY B 156 -0.96 24.92 -3.95
N VAL B 157 -0.17 23.86 -4.05
CA VAL B 157 -0.24 22.96 -5.21
C VAL B 157 -1.32 21.94 -4.85
N LYS B 158 -2.43 21.98 -5.58
CA LYS B 158 -3.59 21.15 -5.27
C LYS B 158 -3.48 19.76 -5.90
N PHE B 159 -3.91 18.75 -5.15
CA PHE B 159 -3.86 17.34 -5.57
C PHE B 159 -5.24 16.76 -5.85
N PHE B 160 -5.34 15.98 -6.92
CA PHE B 160 -6.58 15.30 -7.28
C PHE B 160 -6.27 13.89 -7.72
N GLN B 161 -7.05 12.94 -7.22
CA GLN B 161 -6.89 11.55 -7.59
C GLN B 161 -7.84 11.22 -8.74
N ARG B 162 -7.27 10.91 -9.90
CA ARG B 162 -8.07 10.61 -11.08
C ARG B 162 -7.23 9.95 -12.17
N LYS B 163 -7.84 9.07 -12.95
CA LYS B 163 -7.11 8.35 -13.99
C LYS B 163 -7.27 9.00 -15.37
N VAL B 164 -6.16 9.51 -15.89
CA VAL B 164 -6.15 10.18 -17.18
C VAL B 164 -6.15 9.12 -18.29
N GLU B 165 -7.08 9.25 -19.23
CA GLU B 165 -7.18 8.31 -20.34
C GLU B 165 -6.45 8.84 -21.58
N SER B 166 -6.23 10.15 -21.65
CA SER B 166 -5.49 10.75 -22.77
C SER B 166 -4.99 12.14 -22.45
N PHE B 167 -3.95 12.57 -23.15
CA PHE B 167 -3.49 13.95 -23.03
C PHE B 167 -4.58 14.92 -23.52
N GLU B 168 -5.28 14.53 -24.58
CA GLU B 168 -6.38 15.31 -25.12
C GLU B 168 -7.43 15.59 -24.02
N GLU B 169 -7.72 14.57 -23.20
CA GLU B 169 -8.60 14.72 -22.03
C GLU B 169 -8.15 15.88 -21.15
N VAL B 170 -6.87 15.88 -20.79
CA VAL B 170 -6.32 16.92 -19.91
C VAL B 170 -6.31 18.31 -20.60
N ALA B 171 -6.12 18.31 -21.92
CA ALA B 171 -6.10 19.56 -22.69
C ALA B 171 -7.45 20.29 -22.66
N ARG B 172 -8.50 19.58 -23.05
CA ARG B 172 -9.86 20.15 -23.07
C ARG B 172 -10.22 20.81 -21.73
N GLU B 173 -9.65 20.31 -20.62
CA GLU B 173 -9.87 20.91 -19.30
C GLU B 173 -9.37 22.35 -19.26
N GLY B 174 -8.33 22.64 -20.02
CA GLY B 174 -7.81 24.00 -20.20
C GLY B 174 -6.40 24.21 -19.66
N ALA B 175 -5.55 23.21 -19.86
CA ALA B 175 -4.19 23.22 -19.34
C ALA B 175 -3.20 23.59 -20.45
N ASP B 176 -2.30 24.52 -20.14
CA ASP B 176 -1.33 25.02 -21.10
C ASP B 176 -0.16 24.06 -21.29
N VAL B 177 0.35 23.53 -20.17
CA VAL B 177 1.47 22.59 -20.18
C VAL B 177 1.10 21.30 -19.45
N ILE B 178 1.34 20.16 -20.09
CA ILE B 178 1.18 18.87 -19.46
C ILE B 178 2.56 18.29 -19.17
N VAL B 179 2.83 17.96 -17.91
CA VAL B 179 4.08 17.30 -17.56
C VAL B 179 3.79 15.83 -17.22
N ASN B 180 4.22 14.95 -18.11
CA ASN B 180 3.89 13.54 -18.07
C ASN B 180 4.96 12.72 -17.33
N CYS B 181 4.73 12.49 -16.03
CA CYS B 181 5.63 11.67 -15.19
C CYS B 181 4.95 10.37 -14.74
N THR B 182 4.24 9.75 -15.68
CA THR B 182 3.45 8.55 -15.45
C THR B 182 4.28 7.28 -15.21
N GLY B 183 5.59 7.35 -15.46
CA GLY B 183 6.46 6.22 -15.19
C GLY B 183 6.18 5.05 -16.11
N VAL B 184 5.99 3.87 -15.53
CA VAL B 184 5.85 2.64 -16.33
C VAL B 184 4.53 2.58 -17.07
N TRP B 185 3.50 3.24 -16.53
CA TRP B 185 2.18 3.28 -17.17
C TRP B 185 2.04 4.30 -18.32
N ALA B 186 3.15 4.95 -18.69
CA ALA B 186 3.12 5.99 -19.71
C ALA B 186 2.57 5.50 -21.04
N GLY B 187 2.97 4.28 -21.41
CA GLY B 187 2.64 3.70 -22.72
C GLY B 187 1.16 3.64 -23.06
N ALA B 188 0.31 3.80 -22.04
CA ALA B 188 -1.12 3.89 -22.23
C ALA B 188 -1.50 5.21 -22.88
N LEU B 189 -0.92 6.31 -22.40
CA LEU B 189 -1.25 7.65 -22.92
C LEU B 189 -0.63 7.93 -24.29
N GLN B 190 0.56 7.37 -24.52
CA GLN B 190 1.20 7.41 -25.84
C GLN B 190 2.10 6.19 -25.98
N ARG B 191 1.75 5.31 -26.92
CA ARG B 191 2.47 4.06 -27.15
C ARG B 191 4.00 4.27 -27.20
N ASP B 192 4.73 3.32 -26.63
CA ASP B 192 6.19 3.38 -26.58
C ASP B 192 6.74 1.99 -26.33
N PRO B 193 7.07 1.25 -27.41
CA PRO B 193 7.56 -0.12 -27.24
C PRO B 193 8.94 -0.22 -26.58
N LEU B 194 9.66 0.89 -26.48
CA LEU B 194 10.93 0.93 -25.74
C LEU B 194 10.68 0.94 -24.22
N LEU B 195 9.47 1.32 -23.81
CA LEU B 195 9.09 1.28 -22.39
C LEU B 195 8.55 -0.11 -22.00
N GLN B 196 9.42 -0.90 -21.37
CA GLN B 196 9.06 -2.20 -20.84
C GLN B 196 9.14 -2.17 -19.29
N PRO B 197 8.16 -2.80 -18.61
CA PRO B 197 8.27 -2.93 -17.16
C PRO B 197 9.35 -3.93 -16.76
N GLY B 198 10.22 -3.53 -15.85
CA GLY B 198 11.22 -4.42 -15.28
C GLY B 198 10.81 -4.79 -13.87
N ARG B 199 9.92 -5.76 -13.75
CA ARG B 199 9.32 -6.13 -12.47
C ARG B 199 10.39 -6.50 -11.46
N GLY B 200 10.19 -6.02 -10.24
CA GLY B 200 11.03 -6.37 -9.11
C GLY B 200 10.20 -6.64 -7.87
N GLN B 201 10.78 -7.42 -6.96
CA GLN B 201 10.13 -7.74 -5.70
C GLN B 201 11.17 -7.67 -4.60
N ILE B 202 10.74 -7.16 -3.45
CA ILE B 202 11.62 -7.01 -2.29
C ILE B 202 10.84 -7.46 -1.06
N MET B 203 11.56 -7.88 -0.02
CA MET B 203 10.94 -8.04 1.28
C MET B 203 11.67 -7.21 2.33
N LYS B 204 10.90 -6.65 3.25
CA LYS B 204 11.44 -5.84 4.32
C LYS B 204 11.55 -6.73 5.57
N VAL B 205 12.79 -6.99 6.01
CA VAL B 205 13.01 -7.78 7.23
C VAL B 205 13.50 -6.91 8.39
N ASP B 206 13.49 -7.51 9.58
CA ASP B 206 13.97 -6.85 10.79
C ASP B 206 15.34 -7.38 11.18
N ALA B 207 16.37 -6.62 10.82
CA ALA B 207 17.76 -6.98 11.13
C ALA B 207 18.55 -5.68 11.34
N PRO B 208 18.37 -5.05 12.51
CA PRO B 208 18.97 -3.74 12.79
C PRO B 208 20.50 -3.71 12.86
N TRP B 209 21.12 -4.87 13.07
CA TRP B 209 22.58 -4.96 13.13
C TRP B 209 23.26 -4.69 11.79
N MET B 210 22.50 -4.78 10.70
CA MET B 210 23.01 -4.49 9.37
C MET B 210 23.23 -2.98 9.15
N LYS B 211 24.50 -2.59 9.10
CA LYS B 211 24.87 -1.17 8.96
C LYS B 211 25.38 -0.80 7.57
N HIS B 212 25.60 -1.80 6.72
CA HIS B 212 26.04 -1.57 5.34
C HIS B 212 25.06 -2.15 4.33
N PHE B 213 24.99 -1.52 3.15
CA PHE B 213 24.35 -2.14 1.98
C PHE B 213 25.32 -3.12 1.36
N ILE B 214 24.78 -4.14 0.70
CA ILE B 214 25.57 -5.06 -0.13
C ILE B 214 24.83 -5.32 -1.43
N LEU B 215 25.47 -4.98 -2.55
CA LEU B 215 24.94 -5.31 -3.88
C LEU B 215 25.84 -6.32 -4.56
N THR B 216 25.23 -7.28 -5.26
CA THR B 216 25.97 -8.29 -6.02
C THR B 216 25.64 -8.18 -7.51
N HIS B 217 26.45 -8.84 -8.35
CA HIS B 217 26.32 -8.72 -9.82
C HIS B 217 26.51 -10.03 -10.64
N ASP B 218 25.88 -10.06 -11.82
CA ASP B 218 26.14 -11.06 -12.88
C ASP B 218 25.79 -12.49 -12.51
N ILE B 223 21.70 -10.43 -15.80
CA ILE B 223 21.18 -9.06 -15.62
C ILE B 223 20.19 -8.94 -14.45
N TYR B 224 20.75 -8.65 -13.28
CA TYR B 224 19.99 -8.10 -12.16
C TYR B 224 18.98 -9.06 -11.51
N ASN B 225 19.26 -10.36 -11.55
CA ASN B 225 18.52 -11.34 -10.75
C ASN B 225 19.52 -12.00 -9.80
N SER B 226 19.93 -11.19 -8.84
CA SER B 226 21.10 -11.45 -8.00
C SER B 226 20.88 -10.73 -6.65
N PRO B 227 21.32 -11.35 -5.54
CA PRO B 227 20.86 -10.87 -4.24
C PRO B 227 21.41 -9.51 -3.83
N TYR B 228 20.57 -8.69 -3.20
CA TYR B 228 21.04 -7.47 -2.56
C TYR B 228 20.40 -7.18 -1.20
N ILE B 229 21.17 -6.51 -0.34
CA ILE B 229 20.77 -6.17 1.02
C ILE B 229 20.98 -4.68 1.20
N ILE B 230 19.92 -3.96 1.55
CA ILE B 230 20.00 -2.51 1.63
C ILE B 230 19.27 -2.04 2.89
N PRO B 231 20.01 -1.76 3.96
CA PRO B 231 19.40 -1.31 5.20
C PRO B 231 18.57 -0.06 5.00
N GLY B 232 17.46 0.04 5.72
CA GLY B 232 16.67 1.27 5.78
C GLY B 232 16.68 1.77 7.20
N THR B 233 15.77 2.69 7.49
CA THR B 233 15.64 3.25 8.83
C THR B 233 15.12 2.20 9.80
N GLN B 234 13.90 1.73 9.57
CA GLN B 234 13.24 0.79 10.49
C GLN B 234 13.51 -0.67 10.12
N THR B 235 13.50 -0.97 8.83
CA THR B 235 13.67 -2.33 8.33
C THR B 235 14.83 -2.43 7.35
N VAL B 236 15.16 -3.66 6.93
CA VAL B 236 16.18 -3.90 5.90
C VAL B 236 15.55 -4.46 4.62
N THR B 237 15.89 -3.86 3.49
CA THR B 237 15.32 -4.28 2.22
C THR B 237 16.15 -5.40 1.66
N LEU B 238 15.49 -6.51 1.34
CA LEU B 238 16.12 -7.64 0.68
C LEU B 238 15.55 -7.72 -0.70
N GLY B 239 16.39 -8.04 -1.69
CA GLY B 239 15.90 -8.14 -3.05
C GLY B 239 16.88 -8.70 -4.05
N GLY B 240 16.61 -8.37 -5.32
CA GLY B 240 17.37 -8.89 -6.44
C GLY B 240 16.50 -9.63 -7.44
N ILE B 241 15.48 -8.95 -7.95
CA ILE B 241 14.62 -9.49 -9.00
C ILE B 241 14.40 -8.42 -10.07
N PHE B 242 14.50 -8.82 -11.34
CA PHE B 242 14.39 -7.90 -12.47
C PHE B 242 13.86 -8.68 -13.67
N GLN B 243 12.54 -8.64 -13.85
CA GLN B 243 11.90 -9.47 -14.87
C GLN B 243 11.26 -8.61 -15.95
N LEU B 244 11.96 -8.47 -17.08
CA LEU B 244 11.46 -7.68 -18.19
C LEU B 244 10.20 -8.29 -18.76
N GLY B 245 9.15 -7.48 -18.87
CA GLY B 245 7.91 -7.92 -19.49
C GLY B 245 6.84 -8.38 -18.53
N ASN B 246 7.21 -8.74 -17.31
CA ASN B 246 6.23 -9.17 -16.32
C ASN B 246 5.43 -8.00 -15.72
N TRP B 247 4.10 -8.11 -15.81
CA TRP B 247 3.16 -7.08 -15.37
C TRP B 247 2.43 -7.50 -14.09
N SER B 248 2.80 -8.65 -13.52
CA SER B 248 2.09 -9.19 -12.37
C SER B 248 2.42 -8.42 -11.09
N GLU B 249 1.49 -7.58 -10.65
CA GLU B 249 1.62 -6.83 -9.38
C GLU B 249 1.19 -7.72 -8.23
N LEU B 250 1.97 -8.77 -8.01
CA LEU B 250 1.63 -9.80 -7.07
C LEU B 250 2.93 -10.37 -6.55
N ASN B 251 3.06 -10.44 -5.23
CA ASN B 251 4.21 -11.10 -4.64
C ASN B 251 4.20 -12.55 -5.13
N ASN B 252 5.39 -13.12 -5.31
CA ASN B 252 5.56 -14.43 -5.94
C ASN B 252 6.48 -15.35 -5.10
N ILE B 253 6.03 -16.56 -4.82
CA ILE B 253 6.72 -17.45 -3.87
C ILE B 253 8.10 -17.90 -4.39
N GLN B 254 8.21 -18.18 -5.68
CA GLN B 254 9.47 -18.59 -6.27
C GLN B 254 10.52 -17.48 -6.11
N ASP B 255 10.09 -16.24 -6.31
CA ASP B 255 10.95 -15.05 -6.14
C ASP B 255 11.21 -14.71 -4.66
N HIS B 256 10.21 -14.91 -3.81
CA HIS B 256 10.38 -14.78 -2.37
C HIS B 256 11.54 -15.64 -1.89
N ASN B 257 11.57 -16.90 -2.34
CA ASN B 257 12.63 -17.82 -1.92
C ASN B 257 13.99 -17.47 -2.53
N THR B 258 13.98 -17.04 -3.79
CA THR B 258 15.21 -16.65 -4.47
C THR B 258 15.95 -15.54 -3.72
N ILE B 259 15.21 -14.56 -3.24
CA ILE B 259 15.77 -13.45 -2.48
C ILE B 259 16.31 -13.97 -1.15
N TRP B 260 15.46 -14.69 -0.44
CA TRP B 260 15.78 -15.23 0.89
C TRP B 260 17.03 -16.09 0.88
N GLU B 261 17.12 -17.00 -0.09
CA GLU B 261 18.28 -17.89 -0.22
C GLU B 261 19.52 -17.09 -0.59
N GLY B 262 19.39 -16.25 -1.61
CA GLY B 262 20.49 -15.43 -2.06
C GLY B 262 21.07 -14.56 -0.94
N CYS B 263 20.19 -13.90 -0.20
CA CYS B 263 20.64 -12.97 0.82
C CYS B 263 21.21 -13.70 2.04
N CYS B 264 20.59 -14.81 2.43
CA CYS B 264 21.11 -15.63 3.53
C CYS B 264 22.52 -16.15 3.27
N ARG B 265 22.86 -16.40 2.00
CA ARG B 265 24.18 -16.89 1.66
C ARG B 265 25.21 -15.78 1.80
N LEU B 266 24.88 -14.58 1.33
CA LEU B 266 25.71 -13.39 1.51
C LEU B 266 25.96 -13.06 2.98
N GLU B 267 24.91 -13.22 3.79
CA GLU B 267 24.89 -12.70 5.15
C GLU B 267 24.09 -13.66 6.05
N PRO B 268 24.72 -14.77 6.50
CA PRO B 268 24.02 -15.80 7.29
C PRO B 268 23.31 -15.28 8.53
N THR B 269 23.85 -14.24 9.18
CA THR B 269 23.20 -13.62 10.34
C THR B 269 21.72 -13.30 10.11
N LEU B 270 21.35 -13.18 8.84
CA LEU B 270 20.01 -12.84 8.40
C LEU B 270 19.01 -13.99 8.56
N LYS B 271 19.50 -15.20 8.80
CA LYS B 271 18.66 -16.40 8.89
C LYS B 271 17.51 -16.24 9.86
N ASN B 272 17.79 -15.71 11.04
CA ASN B 272 16.78 -15.54 12.09
C ASN B 272 16.24 -14.10 12.16
N ALA B 273 15.96 -13.52 10.99
CA ALA B 273 15.42 -12.16 10.90
C ALA B 273 13.93 -12.21 10.56
N ARG B 274 13.09 -11.60 11.40
CA ARG B 274 11.64 -11.61 11.19
C ARG B 274 11.26 -10.80 9.95
N ILE B 275 10.49 -11.41 9.07
CA ILE B 275 10.03 -10.74 7.86
C ILE B 275 8.87 -9.83 8.21
N ILE B 276 9.02 -8.54 7.89
CA ILE B 276 8.01 -7.53 8.22
C ILE B 276 7.02 -7.28 7.07
N GLY B 277 7.48 -7.47 5.83
CA GLY B 277 6.63 -7.22 4.66
C GLY B 277 7.25 -7.57 3.33
N GLU B 278 6.45 -7.51 2.28
CA GLU B 278 6.89 -7.88 0.95
C GLU B 278 6.06 -7.16 -0.11
N ARG B 279 6.74 -6.54 -1.06
CA ARG B 279 6.07 -5.74 -2.07
C ARG B 279 6.62 -6.01 -3.46
N THR B 280 5.75 -5.94 -4.46
CA THR B 280 6.16 -6.00 -5.84
C THR B 280 6.03 -4.61 -6.45
N GLY B 281 6.97 -4.26 -7.34
CA GLY B 281 6.90 -3.02 -8.11
C GLY B 281 7.54 -3.14 -9.48
N PHE B 282 7.23 -2.20 -10.36
CA PHE B 282 7.76 -2.23 -11.74
C PHE B 282 8.69 -1.07 -12.05
N ARG B 283 9.93 -1.38 -12.39
CA ARG B 283 10.86 -0.39 -12.87
C ARG B 283 10.42 0.00 -14.27
N PRO B 284 10.31 1.32 -14.56
CA PRO B 284 10.03 1.75 -15.92
C PRO B 284 11.30 1.76 -16.74
N VAL B 285 11.57 0.67 -17.45
CA VAL B 285 12.84 0.51 -18.16
C VAL B 285 12.76 1.08 -19.57
N ARG B 286 13.81 1.77 -19.99
CA ARG B 286 13.95 2.31 -21.35
C ARG B 286 15.43 2.46 -21.66
N PRO B 287 15.83 2.22 -22.93
CA PRO B 287 17.26 2.32 -23.25
C PRO B 287 17.83 3.64 -22.75
N GLN B 288 17.09 4.72 -22.98
CA GLN B 288 17.39 6.03 -22.38
C GLN B 288 16.11 6.61 -21.76
N ILE B 289 16.28 7.51 -20.78
CA ILE B 289 15.16 8.22 -20.18
C ILE B 289 14.48 9.04 -21.25
N ARG B 290 13.17 9.21 -21.18
CA ARG B 290 12.46 10.12 -22.08
C ARG B 290 12.15 11.44 -21.38
N LEU B 291 13.07 12.40 -21.51
CA LEU B 291 12.89 13.75 -20.98
C LEU B 291 13.02 14.73 -22.15
N GLU B 292 11.88 15.16 -22.68
CA GLU B 292 11.85 16.01 -23.86
C GLU B 292 10.51 16.71 -24.05
N ARG B 293 10.53 17.84 -24.76
CA ARG B 293 9.32 18.62 -25.04
C ARG B 293 8.60 18.04 -26.25
N GLU B 294 7.28 18.26 -26.33
CA GLU B 294 6.47 17.80 -27.47
C GLU B 294 5.13 18.55 -27.58
N GLN B 295 4.81 19.01 -28.79
CA GLN B 295 3.59 19.79 -29.03
C GLN B 295 2.38 18.88 -29.27
N THR B 303 -1.08 23.05 -27.15
CA THR B 303 -0.89 22.31 -25.90
C THR B 303 0.49 21.59 -25.81
N GLU B 304 1.34 22.03 -24.89
CA GLU B 304 2.72 21.52 -24.77
C GLU B 304 2.82 20.36 -23.79
N VAL B 305 3.76 19.45 -24.05
CA VAL B 305 4.04 18.29 -23.19
C VAL B 305 5.53 18.21 -22.88
N ILE B 306 5.86 17.97 -21.60
CA ILE B 306 7.19 17.54 -21.21
C ILE B 306 7.08 16.10 -20.73
N HIS B 307 7.65 15.17 -21.51
CA HIS B 307 7.81 13.79 -21.06
C HIS B 307 8.93 13.74 -20.02
N ASN B 308 8.72 13.00 -18.94
CA ASN B 308 9.76 12.72 -17.96
C ASN B 308 9.50 11.37 -17.33
N TYR B 309 9.88 10.32 -18.05
CA TYR B 309 9.63 8.95 -17.60
C TYR B 309 10.64 8.00 -18.19
N GLY B 310 10.79 6.84 -17.53
CA GLY B 310 11.67 5.77 -18.01
C GLY B 310 12.98 5.71 -17.25
N HIS B 311 12.89 5.86 -15.94
CA HIS B 311 14.07 5.98 -15.10
C HIS B 311 14.59 4.63 -14.58
N GLY B 312 13.95 3.55 -15.02
CA GLY B 312 14.39 2.20 -14.68
C GLY B 312 14.56 1.97 -13.18
N GLY B 313 15.68 1.39 -12.80
CA GLY B 313 15.97 1.15 -11.38
C GLY B 313 16.72 2.24 -10.65
N TYR B 314 16.77 3.46 -11.19
CA TYR B 314 17.57 4.53 -10.58
C TYR B 314 16.83 5.88 -10.51
N GLY B 315 15.51 5.80 -10.33
CA GLY B 315 14.67 6.98 -10.32
C GLY B 315 14.92 7.89 -9.14
N LEU B 316 15.15 7.31 -7.97
CA LEU B 316 15.49 8.10 -6.80
C LEU B 316 16.91 8.65 -6.95
N THR B 317 17.79 7.87 -7.58
CA THR B 317 19.18 8.25 -7.77
C THR B 317 19.31 9.50 -8.65
N ILE B 318 18.45 9.60 -9.66
CA ILE B 318 18.57 10.60 -10.72
C ILE B 318 17.48 11.66 -10.70
N HIS B 319 16.53 11.57 -9.75
CA HIS B 319 15.29 12.34 -9.87
C HIS B 319 15.50 13.83 -9.99
N TRP B 320 16.40 14.37 -9.18
CA TRP B 320 16.53 15.81 -9.01
C TRP B 320 17.17 16.47 -10.23
N GLY B 321 18.12 15.78 -10.84
CA GLY B 321 18.70 16.25 -12.11
C GLY B 321 17.66 16.28 -13.20
N CYS B 322 16.78 15.28 -13.21
CA CYS B 322 15.67 15.24 -14.15
C CYS B 322 14.65 16.34 -13.89
N ALA B 323 14.47 16.71 -12.63
CA ALA B 323 13.49 17.73 -12.28
C ALA B 323 13.98 19.09 -12.76
N LEU B 324 15.26 19.38 -12.52
CA LEU B 324 15.85 20.64 -12.97
C LEU B 324 15.82 20.74 -14.48
N GLU B 325 16.18 19.66 -15.17
CA GLU B 325 16.20 19.64 -16.62
C GLU B 325 14.79 19.81 -17.19
N ALA B 326 13.78 19.34 -16.46
CA ALA B 326 12.40 19.53 -16.86
C ALA B 326 11.95 20.96 -16.62
N ALA B 327 12.47 21.57 -15.56
CA ALA B 327 12.15 22.96 -15.24
C ALA B 327 12.79 23.90 -16.28
N LYS B 328 14.05 23.62 -16.63
CA LYS B 328 14.74 24.36 -17.69
C LYS B 328 14.00 24.18 -19.02
N LEU B 329 13.42 22.99 -19.24
CA LEU B 329 12.53 22.79 -20.40
C LEU B 329 11.24 23.59 -20.26
N PHE B 330 10.69 23.65 -19.05
CA PHE B 330 9.50 24.45 -18.78
C PHE B 330 9.75 25.94 -19.02
N GLY B 331 10.95 26.41 -18.69
CA GLY B 331 11.35 27.79 -18.99
C GLY B 331 11.42 28.01 -20.49
N ARG B 332 12.16 27.14 -21.16
CA ARG B 332 12.36 27.18 -22.61
C ARG B 332 11.05 27.34 -23.40
N ILE B 333 9.96 26.75 -22.88
CA ILE B 333 8.63 26.92 -23.49
C ILE B 333 7.98 28.23 -23.03
N LEU B 334 8.20 28.62 -21.78
CA LEU B 334 7.65 29.86 -21.24
C LEU B 334 8.15 31.11 -22.00
N GLU B 335 9.41 31.08 -22.41
CA GLU B 335 9.99 32.19 -23.18
C GLU B 335 9.53 32.22 -24.64
N GLU B 336 8.58 31.35 -25.02
CA GLU B 336 7.97 31.38 -26.35
C GLU B 336 6.54 31.90 -26.27
NA NA C . -18.74 12.07 31.44
PA FAD D . -11.53 -5.30 -0.35
O1A FAD D . -11.61 -3.90 -0.95
O2A FAD D . -10.65 -5.65 0.83
O5B FAD D . -11.10 -6.36 -1.48
C5B FAD D . -11.64 -6.20 -2.77
C4B FAD D . -10.87 -7.06 -3.72
O4B FAD D . -11.57 -7.10 -4.95
C3B FAD D . -9.49 -6.51 -4.04
O3B FAD D . -8.56 -7.58 -4.13
C2B FAD D . -9.67 -5.87 -5.39
O2B FAD D . -8.44 -5.86 -6.13
C1B FAD D . -10.68 -6.79 -6.01
N9A FAD D . -11.44 -6.25 -7.14
C8A FAD D . -12.46 -5.38 -7.04
N7A FAD D . -12.98 -5.10 -8.27
C5A FAD D . -12.29 -5.81 -9.16
C6A FAD D . -12.32 -5.96 -10.63
N6A FAD D . -13.24 -5.25 -11.30
N1A FAD D . -11.44 -6.80 -11.20
C2A FAD D . -10.53 -7.48 -10.47
N3A FAD D . -10.43 -7.38 -9.12
C4A FAD D . -11.28 -6.59 -8.43
N1 FAD D . -14.24 -3.63 9.33
C2 FAD D . -14.20 -4.23 10.53
O2 FAD D . -14.83 -5.32 10.65
N3 FAD D . -13.51 -3.71 11.56
C4 FAD D . -12.83 -2.55 11.47
O4 FAD D . -12.19 -2.10 12.46
C4X FAD D . -12.85 -1.83 10.17
N5 FAD D . -12.21 -0.66 9.93
C5X FAD D . -12.26 -0.06 8.71
C6 FAD D . -11.59 1.15 8.49
C7 FAD D . -11.63 1.78 7.25
C7M FAD D . -10.93 3.09 7.01
C8 FAD D . -12.38 1.16 6.14
C8M FAD D . -12.42 1.85 4.81
C9 FAD D . -13.06 -0.05 6.33
C9A FAD D . -13.02 -0.68 7.58
N10 FAD D . -13.68 -1.90 7.83
C10 FAD D . -13.61 -2.48 9.09
C1' FAD D . -14.46 -2.59 6.81
C2' FAD D . -13.58 -3.52 6.02
O2' FAD D . -12.29 -2.91 5.83
C3' FAD D . -14.22 -3.84 4.69
O3' FAD D . -15.63 -4.06 4.86
C4' FAD D . -13.55 -5.05 4.07
O4' FAD D . -12.13 -4.86 3.98
C5' FAD D . -14.12 -5.32 2.69
O5' FAD D . -13.61 -6.58 2.24
P FAD D . -13.74 -6.90 0.68
O1P FAD D . -12.96 -8.15 0.35
O2P FAD D . -15.19 -6.73 0.33
O3P FAD D . -13.06 -5.58 0.04
O11 31R E . -21.58 1.86 15.54
C6 31R E . -20.45 1.85 15.02
O1 31R E . -19.87 0.64 14.76
C2 31R E . -18.64 0.55 14.18
C7 31R E . -18.10 -0.70 13.95
C8 31R E . -16.85 -0.84 13.37
O12 31R E . -16.39 -2.09 13.16
C5 31R E . -19.81 3.04 14.69
C4 31R E . -18.55 3.01 14.09
C13 31R E . -17.88 4.30 13.76
C14 31R E . -17.54 4.61 12.45
C15 31R E . -16.91 5.82 12.15
C16 31R E . -16.65 6.72 13.16
C17 31R E . -16.99 6.41 14.47
C18 31R E . -17.61 5.20 14.78
C3 31R E . -17.92 1.69 13.82
C10 31R E . -16.66 1.55 13.23
C9 31R E . -16.12 0.29 12.99
C19 31R E . -14.75 0.08 12.35
C20 31R E . -14.03 1.35 11.89
C21 31R E . -14.54 1.91 10.57
O23 31R E . -15.45 1.32 9.95
O22 31R E . -14.02 2.98 10.14
NA NA F . 36.26 -14.22 -1.70
PA FAD G . 6.09 5.98 -10.05
O1A FAD G . 5.57 4.61 -10.43
O2A FAD G . 6.90 6.19 -8.79
O5B FAD G . 4.83 6.98 -9.98
C5B FAD G . 3.92 6.86 -11.05
C4B FAD G . 2.76 7.82 -10.89
O4B FAD G . 2.14 7.95 -12.17
C3B FAD G . 1.69 7.29 -9.96
O3B FAD G . 1.27 8.32 -9.07
C2B FAD G . 0.55 6.88 -10.86
O2B FAD G . -0.70 7.08 -10.22
C1B FAD G . 0.72 7.86 -11.99
N9A FAD G . 0.04 7.54 -13.27
C8A FAD G . 0.50 6.70 -14.22
N7A FAD G . -0.36 6.66 -15.28
C5A FAD G . -1.37 7.51 -15.01
C6A FAD G . -2.60 7.94 -15.69
N6A FAD G . -2.92 7.44 -16.91
N1A FAD G . -3.38 8.86 -15.06
C2A FAD G . -3.07 9.35 -13.84
N3A FAD G . -1.96 8.99 -13.17
C4A FAD G . -1.10 8.09 -13.69
N1 FAD G . 15.58 3.55 -7.61
C2 FAD G . 16.64 4.05 -6.93
O2 FAD G . 17.10 5.17 -7.28
N3 FAD G . 17.23 3.41 -5.90
C4 FAD G . 16.79 2.22 -5.48
O4 FAD G . 17.35 1.67 -4.51
C4X FAD G . 15.65 1.60 -6.17
N5 FAD G . 15.15 0.39 -5.78
C5X FAD G . 14.11 -0.15 -6.44
C6 FAD G . 13.64 -1.40 -6.01
C7 FAD G . 12.57 -2.02 -6.64
C7M FAD G . 12.11 -3.35 -6.14
C8 FAD G . 11.90 -1.33 -7.77
C8M FAD G . 10.74 -1.99 -8.47
C9 FAD G . 12.36 -0.08 -8.22
C9A FAD G . 13.45 0.54 -7.60
N10 FAD G . 13.94 1.83 -8.01
C10 FAD G . 15.05 2.36 -7.29
C1' FAD G . 13.37 2.59 -9.14
C2' FAD G . 12.39 3.69 -8.72
O2' FAD G . 11.41 3.20 -7.80
C3' FAD G . 11.65 4.26 -9.94
O3' FAD G . 12.58 4.53 -11.01
C4' FAD G . 10.85 5.51 -9.58
O4' FAD G . 10.21 5.34 -8.31
C5' FAD G . 9.80 5.85 -10.62
O5' FAD G . 9.23 7.11 -10.31
P FAD G . 8.03 7.73 -11.20
O1P FAD G . 7.46 8.88 -10.41
O2P FAD G . 8.45 7.96 -12.66
O3P FAD G . 6.94 6.54 -11.30
O11 31R H . 24.35 -2.06 -11.25
C6 31R H . 23.31 -2.06 -10.54
O1 31R H . 22.86 -0.90 -9.96
C2 31R H . 21.71 -0.85 -9.19
C7 31R H . 21.29 0.36 -8.60
C8 31R H . 20.14 0.41 -7.82
O12 31R H . 19.71 1.58 -7.26
C5 31R H . 22.60 -3.25 -10.35
C4 31R H . 21.44 -3.26 -9.59
C13 31R H . 20.68 -4.53 -9.38
C14 31R H . 19.34 -4.65 -9.72
C15 31R H . 18.66 -5.84 -9.49
C16 31R H . 19.34 -6.91 -8.92
C17 31R H . 20.68 -6.79 -8.56
C18 31R H . 21.35 -5.60 -8.80
C3 31R H . 20.97 -1.99 -8.96
C10 31R H . 19.81 -1.94 -8.17
C9 31R H . 19.40 -0.73 -7.60
C19 31R H . 18.16 -0.59 -6.76
C20 31R H . 17.43 -1.91 -6.47
C21 31R H . 16.46 -2.34 -7.54
O23 31R H . 15.97 -3.48 -7.45
O22 31R H . 16.16 -1.57 -8.49
#